data_3NRA
#
_entry.id   3NRA
#
_cell.length_a   67.291
_cell.length_b   98.517
_cell.length_c   127.883
_cell.angle_alpha   90.000
_cell.angle_beta   90.000
_cell.angle_gamma   90.000
#
_symmetry.space_group_name_H-M   'P 21 21 21'
#
loop_
_entity.id
_entity.type
_entity.pdbx_description
1 polymer 'aspartate aminotransferase'
2 non-polymer 'CHLORIDE ION'
3 non-polymer GLYCEROL
4 non-polymer DI(HYDROXYETHYL)ETHER
5 water water
#
_entity_poly.entity_id   1
_entity_poly.type   'polypeptide(L)'
_entity_poly.pdbx_seq_one_letter_code
;G(MSE)SIEAKFKKLGTDNAPGQEVRQSAAGLEALIRGAPIEGRPVDFSHGDVDAHEPTPGAFDLFSAGVQSGGVQAYTE
YRGDLGIRDLLAPRLAAFTGAPVDARDGLIITPGTQGALFLAVAATVARGDKVAIVQPDYFANRKLVEFFEGE(MSE)VP
VQLDYVSADETRAGLDLTGLEEAFKAGARVFLFSNPNNPAGVVYSAEEIGQIAALAARYGATVIADQLYSRLRYAGASYT
HLRAEAAVDAENVVTI(MSE)GPS(LLP)TESLSGYRLGVAFGSRAIIAR(MSE)EKLQAIVSLRAAGYSQAVLRGWFDE
APGW(MSE)EDRIARHQAIRDELLHVLRG(CSD)EGVFARTPQAGSYLFPRLPKLAVAPAEFVKILRLQAGVVVTPGTEF
SPHTADSVRLNFSQDHEAAVAAARRIVTLVERYRA
;
_entity_poly.pdbx_strand_id   A,B
#
# COMPACT_ATOMS: atom_id res chain seq x y z
N SER A 3 -2.33 -3.84 -24.19
CA SER A 3 -1.97 -5.23 -23.84
C SER A 3 -1.37 -5.30 -22.44
N ILE A 4 -1.78 -6.29 -21.66
CA ILE A 4 -1.37 -6.40 -20.25
C ILE A 4 0.11 -6.85 -20.11
N GLU A 5 0.53 -7.81 -20.94
CA GLU A 5 1.94 -8.21 -21.01
C GLU A 5 2.84 -7.00 -21.36
N ALA A 6 2.45 -6.24 -22.39
CA ALA A 6 3.24 -5.06 -22.84
C ALA A 6 3.30 -3.97 -21.77
N LYS A 7 2.18 -3.78 -21.08
CA LYS A 7 2.07 -2.80 -20.00
C LYS A 7 3.06 -3.09 -18.87
N PHE A 8 3.08 -4.35 -18.42
CA PHE A 8 3.95 -4.76 -17.31
C PHE A 8 5.43 -4.98 -17.72
N LYS A 9 5.68 -5.17 -19.03
CA LYS A 9 7.06 -5.20 -19.55
C LYS A 9 7.80 -3.87 -19.31
N LYS A 10 7.05 -2.75 -19.32
CA LYS A 10 7.61 -1.39 -19.09
C LYS A 10 8.03 -1.13 -17.62
N LEU A 11 7.51 -1.92 -16.68
CA LEU A 11 7.81 -1.76 -15.25
C LEU A 11 9.14 -2.43 -14.81
N GLY A 12 9.83 -3.13 -15.72
CA GLY A 12 11.16 -3.68 -15.44
C GLY A 12 12.20 -2.60 -15.13
N LEU A 28 32.10 -11.25 -17.84
CA LEU A 28 32.85 -10.31 -16.99
C LEU A 28 34.32 -10.75 -16.82
N GLU A 29 34.54 -12.05 -16.59
CA GLU A 29 35.90 -12.60 -16.37
C GLU A 29 36.97 -12.08 -17.37
N ALA A 30 36.60 -12.02 -18.65
CA ALA A 30 37.48 -11.48 -19.72
C ALA A 30 37.82 -9.97 -19.55
N LEU A 31 36.90 -9.21 -18.96
CA LEU A 31 37.04 -7.73 -18.81
C LEU A 31 37.82 -7.33 -17.54
N ILE A 32 37.79 -8.18 -16.52
CA ILE A 32 38.45 -7.88 -15.24
C ILE A 32 39.92 -7.47 -15.39
N ARG A 33 40.27 -6.38 -14.73
CA ARG A 33 41.66 -5.96 -14.58
C ARG A 33 42.08 -6.13 -13.12
N GLY A 34 43.16 -6.85 -12.88
CA GLY A 34 43.77 -6.92 -11.55
C GLY A 34 42.95 -7.63 -10.49
N ALA A 35 43.34 -7.46 -9.24
CA ALA A 35 42.71 -8.15 -8.10
C ALA A 35 41.63 -7.26 -7.45
N PRO A 36 40.73 -7.84 -6.65
CA PRO A 36 39.83 -7.04 -5.84
C PRO A 36 40.57 -6.13 -4.87
N ILE A 37 39.88 -5.09 -4.42
CA ILE A 37 40.33 -4.25 -3.33
C ILE A 37 39.41 -4.55 -2.13
N GLU A 38 39.97 -5.04 -1.04
CA GLU A 38 39.19 -5.42 0.13
C GLU A 38 39.05 -4.24 1.10
N GLY A 39 38.08 -4.37 2.00
CA GLY A 39 37.62 -3.27 2.87
C GLY A 39 36.17 -3.56 3.24
N ARG A 40 35.64 -2.89 4.25
CA ARG A 40 34.28 -3.15 4.68
CA ARG A 40 34.27 -3.14 4.68
C ARG A 40 33.31 -2.82 3.53
N PRO A 41 32.45 -3.81 3.11
CA PRO A 41 31.53 -3.51 2.01
C PRO A 41 30.54 -2.43 2.36
N VAL A 42 30.14 -1.65 1.37
CA VAL A 42 29.14 -0.60 1.56
C VAL A 42 28.11 -0.69 0.47
N ASP A 43 26.87 -0.89 0.87
CA ASP A 43 25.72 -0.81 -0.03
C ASP A 43 25.22 0.63 -0.10
N PHE A 44 25.59 1.37 -1.17
CA PHE A 44 25.11 2.75 -1.37
C PHE A 44 23.73 2.83 -2.04
N SER A 45 23.03 1.70 -2.21
CA SER A 45 21.76 1.70 -2.93
C SER A 45 20.61 2.26 -2.08
N HIS A 46 20.73 2.16 -0.76
CA HIS A 46 19.81 2.82 0.16
C HIS A 46 20.54 3.15 1.45
N GLY A 47 19.87 3.87 2.32
CA GLY A 47 20.50 4.32 3.57
C GLY A 47 20.71 3.19 4.58
N ASP A 48 21.64 3.43 5.50
CA ASP A 48 22.01 2.48 6.50
C ASP A 48 21.38 2.97 7.78
N VAL A 49 20.31 2.31 8.21
CA VAL A 49 19.65 2.74 9.45
C VAL A 49 20.21 2.09 10.73
N ASP A 50 21.32 1.34 10.60
CA ASP A 50 22.14 0.96 11.77
C ASP A 50 23.16 2.08 12.07
N ALA A 51 23.67 2.69 11.01
CA ALA A 51 24.60 3.80 11.13
C ALA A 51 23.88 5.12 11.54
N HIS A 52 22.67 5.34 11.02
CA HIS A 52 21.86 6.51 11.37
C HIS A 52 20.50 6.01 11.78
N GLU A 53 20.33 5.91 13.09
CA GLU A 53 19.22 5.17 13.72
CA GLU A 53 19.23 5.13 13.64
C GLU A 53 17.87 5.83 13.49
N PRO A 54 16.77 5.04 13.54
CA PRO A 54 15.46 5.62 13.55
C PRO A 54 15.31 6.63 14.70
N THR A 55 14.50 7.66 14.50
CA THR A 55 14.23 8.65 15.52
C THR A 55 14.16 8.02 16.93
N PRO A 56 14.97 8.54 17.88
CA PRO A 56 14.77 8.11 19.26
C PRO A 56 13.30 8.25 19.67
N GLY A 57 12.77 7.22 20.32
CA GLY A 57 11.40 7.27 20.82
C GLY A 57 10.36 6.75 19.84
N ALA A 58 10.70 6.57 18.57
CA ALA A 58 9.71 6.08 17.59
C ALA A 58 9.21 4.67 17.95
N PHE A 59 10.11 3.79 18.40
CA PHE A 59 9.72 2.43 18.80
C PHE A 59 8.81 2.45 20.02
N ASP A 60 9.14 3.29 21.02
CA ASP A 60 8.26 3.46 22.19
C ASP A 60 6.84 3.91 21.80
N LEU A 61 6.74 4.73 20.73
CA LEU A 61 5.43 5.16 20.23
C LEU A 61 4.69 4.04 19.57
N PHE A 62 5.41 3.22 18.80
CA PHE A 62 4.80 2.07 18.16
C PHE A 62 4.28 1.09 19.23
N SER A 63 5.11 0.86 20.23
CA SER A 63 4.78 -0.01 21.36
C SER A 63 3.58 0.49 22.16
N ALA A 64 3.55 1.80 22.47
CA ALA A 64 2.39 2.37 23.19
C ALA A 64 1.10 2.26 22.34
N GLY A 65 1.24 2.41 21.03
CA GLY A 65 0.10 2.26 20.10
C GLY A 65 -0.46 0.85 20.03
N VAL A 66 0.42 -0.15 20.03
CA VAL A 66 0.00 -1.54 20.06
C VAL A 66 -0.69 -1.87 21.39
N GLN A 67 -0.16 -1.35 22.48
CA GLN A 67 -0.78 -1.49 23.81
C GLN A 67 -2.18 -0.81 23.86
N SER A 68 -2.35 0.30 23.17
CA SER A 68 -3.63 0.99 23.15
C SER A 68 -4.71 0.16 22.40
N GLY A 69 -4.25 -0.66 21.43
CA GLY A 69 -5.03 -1.77 20.92
C GLY A 69 -5.79 -1.40 19.67
N GLY A 70 -7.06 -1.75 19.62
CA GLY A 70 -7.86 -1.60 18.41
C GLY A 70 -8.05 -0.19 17.89
N VAL A 71 -8.03 0.78 18.80
CA VAL A 71 -8.15 2.19 18.42
C VAL A 71 -7.00 2.63 17.50
N GLN A 72 -5.83 1.98 17.65
CA GLN A 72 -4.65 2.23 16.79
C GLN A 72 -4.55 1.31 15.58
N ALA A 73 -4.96 0.05 15.74
CA ALA A 73 -4.91 -0.94 14.65
C ALA A 73 -5.79 -0.56 13.49
N TYR A 74 -6.95 0.02 13.80
CA TYR A 74 -7.88 0.51 12.79
C TYR A 74 -7.98 2.03 12.84
N THR A 75 -7.88 2.64 11.66
CA THR A 75 -8.03 4.05 11.46
C THR A 75 -8.90 4.26 10.26
N GLU A 76 -9.37 5.49 10.10
CA GLU A 76 -9.86 6.00 8.81
C GLU A 76 -8.87 5.72 7.67
N TYR A 77 -9.39 5.48 6.47
CA TYR A 77 -8.53 5.14 5.34
C TYR A 77 -7.45 6.23 5.13
N ARG A 78 -7.82 7.49 5.32
CA ARG A 78 -6.94 8.64 5.14
CA ARG A 78 -6.86 8.57 5.08
C ARG A 78 -5.93 8.82 6.26
N GLY A 79 -6.11 8.05 7.34
CA GLY A 79 -5.15 8.06 8.45
C GLY A 79 -5.81 8.45 9.76
N ASP A 80 -5.19 8.07 10.87
CA ASP A 80 -5.67 8.45 12.19
C ASP A 80 -5.88 9.98 12.30
N LEU A 81 -7.07 10.36 12.75
CA LEU A 81 -7.48 11.74 12.82
C LEU A 81 -6.66 12.53 13.79
N GLY A 82 -6.50 11.98 14.98
CA GLY A 82 -5.68 12.59 16.01
C GLY A 82 -4.27 12.86 15.52
N ILE A 83 -3.70 11.91 14.78
CA ILE A 83 -2.34 12.08 14.27
C ILE A 83 -2.34 13.13 13.14
N ARG A 84 -3.35 13.12 12.26
CA ARG A 84 -3.45 14.20 11.26
C ARG A 84 -3.57 15.57 11.90
N ASP A 85 -4.29 15.66 13.03
CA ASP A 85 -4.41 16.95 13.72
C ASP A 85 -3.08 17.37 14.33
N LEU A 86 -2.35 16.43 14.91
CA LEU A 86 -0.99 16.74 15.41
C LEU A 86 -0.06 17.23 14.29
N LEU A 87 -0.15 16.60 13.12
CA LEU A 87 0.85 16.82 12.07
C LEU A 87 0.64 18.12 11.29
N ALA A 88 -0.61 18.55 11.14
CA ALA A 88 -0.92 19.62 10.20
C ALA A 88 -0.18 20.93 10.55
N PRO A 89 -0.20 21.33 11.84
CA PRO A 89 0.55 22.54 12.19
C PRO A 89 2.06 22.37 12.07
N ARG A 90 2.56 21.15 12.20
CA ARG A 90 3.98 20.92 12.05
C ARG A 90 4.38 21.01 10.60
N LEU A 91 3.57 20.45 9.72
CA LEU A 91 3.82 20.53 8.27
C LEU A 91 3.61 21.96 7.77
N ALA A 92 2.67 22.70 8.40
CA ALA A 92 2.44 24.12 8.03
C ALA A 92 3.65 24.99 8.38
N ALA A 93 4.21 24.80 9.57
CA ALA A 93 5.42 25.53 9.97
C ALA A 93 6.61 25.15 9.09
N PHE A 94 6.71 23.86 8.75
CA PHE A 94 7.82 23.42 7.94
C PHE A 94 7.76 24.00 6.52
N THR A 95 6.59 23.93 5.89
CA THR A 95 6.45 24.37 4.49
C THR A 95 6.06 25.84 4.32
N GLY A 96 5.55 26.47 5.38
CA GLY A 96 5.25 27.89 5.34
C GLY A 96 3.94 28.22 4.63
N ALA A 97 2.97 27.32 4.73
CA ALA A 97 1.63 27.57 4.19
C ALA A 97 0.65 26.62 4.87
N PRO A 98 -0.64 27.02 4.95
CA PRO A 98 -1.50 26.22 5.82
C PRO A 98 -1.68 24.75 5.35
N VAL A 99 -1.92 23.88 6.32
CA VAL A 99 -2.23 22.50 6.06
C VAL A 99 -3.56 22.16 6.72
N ASP A 100 -4.48 21.56 5.93
CA ASP A 100 -5.81 21.20 6.38
C ASP A 100 -5.80 19.72 6.80
N ALA A 101 -5.79 19.48 8.11
CA ALA A 101 -5.74 18.11 8.66
C ALA A 101 -6.93 17.25 8.24
N ARG A 102 -8.12 17.86 8.09
CA ARG A 102 -9.35 17.08 7.85
C ARG A 102 -9.55 16.68 6.39
N ASP A 103 -9.35 17.61 5.46
CA ASP A 103 -9.60 17.36 4.03
C ASP A 103 -8.40 17.58 3.14
N GLY A 104 -7.25 17.92 3.70
CA GLY A 104 -6.07 18.25 2.91
C GLY A 104 -4.83 17.49 3.30
N LEU A 105 -4.99 16.34 3.99
CA LEU A 105 -3.85 15.58 4.50
C LEU A 105 -4.20 14.08 4.59
N ILE A 106 -3.36 13.25 3.97
CA ILE A 106 -3.57 11.80 3.96
C ILE A 106 -2.26 11.14 4.39
N ILE A 107 -2.38 10.07 5.20
CA ILE A 107 -1.25 9.29 5.61
C ILE A 107 -1.24 8.04 4.74
N THR A 108 -0.07 7.74 4.17
CA THR A 108 0.06 6.74 3.12
C THR A 108 1.14 5.70 3.49
N PRO A 109 1.18 4.55 2.78
CA PRO A 109 2.27 3.57 2.95
C PRO A 109 3.58 4.04 2.28
N GLY A 110 4.33 4.84 3.02
CA GLY A 110 5.53 5.45 2.51
C GLY A 110 5.20 6.66 1.66
N THR A 111 6.20 7.49 1.39
CA THR A 111 6.06 8.49 0.38
C THR A 111 5.81 7.84 -1.01
N GLN A 112 6.36 6.65 -1.24
CA GLN A 112 6.03 5.91 -2.48
C GLN A 112 4.52 5.74 -2.62
N GLY A 113 3.87 5.33 -1.54
CA GLY A 113 2.42 5.22 -1.50
C GLY A 113 1.67 6.46 -1.90
N ALA A 114 2.10 7.60 -1.34
CA ALA A 114 1.58 8.93 -1.73
C ALA A 114 1.82 9.23 -3.23
N LEU A 115 3.03 8.89 -3.72
CA LEU A 115 3.38 9.15 -5.10
C LEU A 115 2.46 8.37 -6.02
N PHE A 116 2.28 7.09 -5.75
CA PHE A 116 1.36 6.24 -6.55
C PHE A 116 -0.05 6.86 -6.64
N LEU A 117 -0.59 7.20 -5.49
CA LEU A 117 -1.98 7.68 -5.39
C LEU A 117 -2.12 9.05 -6.05
N ALA A 118 -1.08 9.89 -5.92
CA ALA A 118 -1.11 11.24 -6.48
C ALA A 118 -1.12 11.20 -8.01
N VAL A 119 -0.31 10.33 -8.59
CA VAL A 119 -0.29 10.18 -10.05
C VAL A 119 -1.61 9.56 -10.51
N ALA A 120 -2.07 8.54 -9.80
CA ALA A 120 -3.38 7.88 -10.13
C ALA A 120 -4.55 8.88 -10.11
N ALA A 121 -4.46 9.85 -9.19
CA ALA A 121 -5.53 10.79 -8.96
C ALA A 121 -5.50 11.97 -9.93
N THR A 122 -4.45 12.06 -10.75
CA THR A 122 -4.25 13.20 -11.62
C THR A 122 -3.96 12.87 -13.10
N VAL A 123 -3.70 11.59 -13.43
CA VAL A 123 -3.29 11.23 -14.79
C VAL A 123 -4.26 10.18 -15.40
N ALA A 124 -5.09 10.63 -16.32
CA ALA A 124 -5.96 9.76 -17.10
C ALA A 124 -5.22 9.30 -18.36
N ARG A 125 -5.77 8.27 -19.00
CA ARG A 125 -5.21 7.72 -20.24
C ARG A 125 -5.03 8.83 -21.29
N GLY A 126 -3.83 8.94 -21.86
CA GLY A 126 -3.54 9.91 -22.94
C GLY A 126 -3.03 11.29 -22.46
N ASP A 127 -3.19 11.60 -21.18
CA ASP A 127 -2.77 12.88 -20.65
C ASP A 127 -1.23 13.04 -20.76
N LYS A 128 -0.81 14.23 -21.17
CA LYS A 128 0.58 14.63 -21.13
C LYS A 128 1.01 15.02 -19.70
N VAL A 129 2.13 14.46 -19.25
CA VAL A 129 2.68 14.74 -17.95
C VAL A 129 4.16 15.15 -18.10
N ALA A 130 4.50 16.32 -17.57
CA ALA A 130 5.88 16.80 -17.63
C ALA A 130 6.71 16.11 -16.53
N ILE A 131 7.83 15.51 -16.91
CA ILE A 131 8.67 14.72 -15.97
C ILE A 131 10.11 15.17 -16.15
N VAL A 132 10.84 15.30 -15.04
CA VAL A 132 12.22 15.77 -15.09
C VAL A 132 13.16 14.58 -15.39
N GLN A 133 14.22 14.84 -16.18
CA GLN A 133 15.30 13.87 -16.46
C GLN A 133 16.65 14.47 -16.09
N PRO A 134 17.40 13.84 -15.15
CA PRO A 134 17.08 12.70 -14.31
C PRO A 134 16.10 13.03 -13.19
N ASP A 135 15.31 12.04 -12.81
CA ASP A 135 14.50 12.14 -11.59
C ASP A 135 14.22 10.74 -11.06
N TYR A 136 13.56 10.70 -9.90
CA TYR A 136 13.21 9.45 -9.19
C TYR A 136 12.67 8.34 -10.09
N PHE A 137 13.01 7.10 -9.76
CA PHE A 137 12.86 5.95 -10.68
C PHE A 137 11.41 5.68 -11.04
N ALA A 138 10.49 5.96 -10.11
CA ALA A 138 9.08 5.68 -10.27
C ALA A 138 8.35 6.63 -11.21
N ASN A 139 8.90 7.82 -11.44
CA ASN A 139 8.14 8.89 -12.07
C ASN A 139 7.70 8.54 -13.48
N ARG A 140 8.63 8.08 -14.30
CA ARG A 140 8.31 7.69 -15.66
C ARG A 140 7.39 6.48 -15.65
N LYS A 141 7.73 5.49 -14.81
CA LYS A 141 6.97 4.24 -14.73
C LYS A 141 5.51 4.46 -14.33
N LEU A 142 5.25 5.36 -13.37
CA LEU A 142 3.88 5.65 -12.96
C LEU A 142 3.06 6.29 -14.09
N VAL A 143 3.63 7.32 -14.73
CA VAL A 143 2.96 7.97 -15.87
C VAL A 143 2.61 6.92 -16.91
N GLU A 144 3.58 6.09 -17.24
CA GLU A 144 3.34 5.06 -18.23
C GLU A 144 2.37 3.94 -17.74
N PHE A 145 2.37 3.63 -16.44
CA PHE A 145 1.44 2.64 -15.94
C PHE A 145 -0.02 3.12 -16.12
N PHE A 146 -0.25 4.41 -15.91
CA PHE A 146 -1.58 5.02 -16.15
C PHE A 146 -1.83 5.47 -17.59
N GLU A 147 -0.94 5.07 -18.50
CA GLU A 147 -1.04 5.36 -19.94
C GLU A 147 -1.04 6.87 -20.26
N GLY A 148 -0.34 7.63 -19.42
CA GLY A 148 -0.02 9.00 -19.73
C GLY A 148 1.11 9.04 -20.76
N GLU A 149 1.30 10.22 -21.32
CA GLU A 149 2.44 10.52 -22.23
C GLU A 149 3.43 11.39 -21.48
N VAL A 151 6.13 13.94 -21.18
CA VAL A 151 6.89 14.97 -21.86
C VAL A 151 8.13 15.30 -21.00
N PRO A 152 9.33 14.94 -21.46
CA PRO A 152 10.47 15.13 -20.60
C PRO A 152 10.91 16.59 -20.51
N VAL A 153 11.45 16.98 -19.35
CA VAL A 153 12.02 18.29 -19.13
C VAL A 153 13.44 18.10 -18.59
N GLN A 154 14.42 18.62 -19.31
CA GLN A 154 15.81 18.39 -18.97
C GLN A 154 16.17 19.17 -17.73
N LEU A 155 16.82 18.48 -16.78
CA LEU A 155 17.57 19.13 -15.73
C LEU A 155 19.04 19.23 -16.18
N ASP A 156 19.48 20.44 -16.48
CA ASP A 156 20.87 20.69 -16.86
C ASP A 156 21.72 20.94 -15.58
N TYR A 157 21.83 19.90 -14.77
CA TYR A 157 22.45 19.98 -13.47
C TYR A 157 23.97 19.92 -13.58
N VAL A 158 24.53 19.43 -14.71
CA VAL A 158 25.98 19.41 -14.88
C VAL A 158 26.49 20.83 -15.15
N SER A 159 26.86 21.52 -14.07
CA SER A 159 27.34 22.89 -14.14
C SER A 159 28.15 23.20 -12.90
N ALA A 160 29.16 24.07 -13.02
CA ALA A 160 29.85 24.64 -11.85
C ALA A 160 29.00 25.66 -11.13
N ASP A 161 27.93 26.14 -11.77
CA ASP A 161 26.99 27.02 -11.14
C ASP A 161 26.12 26.23 -10.20
N GLU A 162 26.28 26.45 -8.89
CA GLU A 162 25.49 25.74 -7.89
C GLU A 162 24.39 26.62 -7.24
N THR A 163 24.07 27.75 -7.86
CA THR A 163 22.97 28.62 -7.42
C THR A 163 21.62 28.16 -7.96
N ARG A 164 21.59 27.11 -8.78
CA ARG A 164 20.33 26.54 -9.22
C ARG A 164 20.47 25.11 -9.65
N ALA A 165 19.36 24.39 -9.65
CA ALA A 165 19.33 22.99 -10.02
C ALA A 165 19.62 22.82 -11.51
N GLY A 166 19.11 23.75 -12.32
CA GLY A 166 19.39 23.82 -13.74
C GLY A 166 18.23 23.36 -14.61
N LEU A 167 17.00 23.42 -14.10
CA LEU A 167 15.84 22.96 -14.86
C LEU A 167 15.63 23.82 -16.08
N ASP A 168 15.40 23.16 -17.22
CA ASP A 168 14.99 23.84 -18.44
C ASP A 168 13.53 24.38 -18.33
N LEU A 169 13.37 25.58 -17.78
CA LEU A 169 12.03 26.18 -17.62
C LEU A 169 11.32 26.49 -18.96
N THR A 170 12.09 26.84 -20.01
CA THR A 170 11.50 26.93 -21.36
C THR A 170 10.87 25.57 -21.78
N GLY A 171 11.59 24.50 -21.53
CA GLY A 171 11.09 23.14 -21.79
C GLY A 171 9.81 22.80 -21.02
N LEU A 172 9.76 23.24 -19.76
CA LEU A 172 8.54 23.08 -18.94
C LEU A 172 7.37 23.87 -19.52
N GLU A 173 7.58 25.14 -19.82
CA GLU A 173 6.52 25.94 -20.45
C GLU A 173 6.01 25.27 -21.73
N GLU A 174 6.92 24.75 -22.54
CA GLU A 174 6.55 24.13 -23.82
CA GLU A 174 6.53 24.15 -23.82
C GLU A 174 5.75 22.84 -23.61
N ALA A 175 6.10 22.06 -22.57
CA ALA A 175 5.28 20.92 -22.11
C ALA A 175 3.81 21.36 -21.83
N PHE A 176 3.66 22.47 -21.10
CA PHE A 176 2.36 22.99 -20.78
C PHE A 176 1.64 23.55 -22.02
N LYS A 177 2.37 24.27 -22.88
CA LYS A 177 1.82 24.70 -24.17
C LYS A 177 1.28 23.52 -25.00
N ALA A 178 1.98 22.39 -24.94
CA ALA A 178 1.63 21.20 -25.73
C ALA A 178 0.45 20.42 -25.13
N GLY A 179 0.05 20.78 -23.90
CA GLY A 179 -1.16 20.26 -23.27
C GLY A 179 -0.93 19.54 -21.94
N ALA A 180 0.32 19.38 -21.50
CA ALA A 180 0.59 18.81 -20.19
C ALA A 180 -0.12 19.61 -19.10
N ARG A 181 -0.88 18.94 -18.25
CA ARG A 181 -1.53 19.60 -17.10
C ARG A 181 -1.12 19.01 -15.74
N VAL A 182 -0.09 18.15 -15.74
CA VAL A 182 0.53 17.70 -14.51
C VAL A 182 2.05 17.83 -14.64
N PHE A 183 2.70 18.26 -13.56
CA PHE A 183 4.13 18.29 -13.49
C PHE A 183 4.54 17.65 -12.18
N LEU A 184 5.37 16.60 -12.25
CA LEU A 184 5.84 15.90 -11.07
C LEU A 184 7.34 16.03 -11.01
N PHE A 185 7.87 16.39 -9.83
CA PHE A 185 9.31 16.50 -9.64
C PHE A 185 9.69 16.32 -8.18
N SER A 186 10.90 15.79 -7.97
CA SER A 186 11.46 15.66 -6.63
C SER A 186 12.28 16.88 -6.33
N ASN A 187 12.21 17.36 -5.09
CA ASN A 187 12.98 18.53 -4.64
C ASN A 187 13.29 18.38 -3.16
N PRO A 188 14.55 18.03 -2.79
CA PRO A 188 15.73 17.86 -3.60
C PRO A 188 15.59 16.75 -4.61
N ASN A 189 16.25 16.93 -5.75
CA ASN A 189 16.27 15.96 -6.81
C ASN A 189 16.92 14.65 -6.34
N ASN A 190 16.21 13.57 -6.54
CA ASN A 190 16.75 12.26 -6.50
C ASN A 190 16.86 11.90 -7.96
N PRO A 191 18.11 11.72 -8.50
CA PRO A 191 19.34 11.25 -7.87
C PRO A 191 20.45 12.30 -7.57
N ALA A 192 20.36 13.48 -8.17
CA ALA A 192 21.50 14.45 -8.13
C ALA A 192 21.69 15.17 -6.75
N GLY A 193 20.62 15.32 -5.97
CA GLY A 193 20.71 15.98 -4.62
C GLY A 193 20.67 17.50 -4.63
N VAL A 194 20.46 18.08 -5.81
CA VAL A 194 20.36 19.52 -6.00
C VAL A 194 18.97 20.02 -5.63
N VAL A 195 18.91 21.23 -5.04
CA VAL A 195 17.66 21.86 -4.62
C VAL A 195 17.30 22.96 -5.60
N TYR A 196 16.01 23.08 -5.90
CA TYR A 196 15.54 24.11 -6.86
C TYR A 196 15.59 25.48 -6.20
N SER A 197 16.12 26.46 -6.93
CA SER A 197 16.30 27.81 -6.39
C SER A 197 14.95 28.50 -6.22
N ALA A 198 14.95 29.57 -5.44
CA ALA A 198 13.74 30.38 -5.23
C ALA A 198 13.16 30.86 -6.55
N GLU A 199 14.04 31.28 -7.45
CA GLU A 199 13.65 31.70 -8.80
C GLU A 199 13.05 30.53 -9.59
N GLU A 200 13.70 29.35 -9.52
CA GLU A 200 13.19 28.17 -10.25
C GLU A 200 11.80 27.76 -9.73
N ILE A 201 11.61 27.79 -8.41
CA ILE A 201 10.32 27.42 -7.82
C ILE A 201 9.24 28.51 -8.09
N GLY A 202 9.64 29.77 -8.01
CA GLY A 202 8.73 30.87 -8.37
C GLY A 202 8.24 30.77 -9.80
N GLN A 203 9.12 30.35 -10.69
CA GLN A 203 8.79 30.22 -12.10
C GLN A 203 7.94 28.95 -12.39
N ILE A 204 8.19 27.84 -11.67
CA ILE A 204 7.30 26.67 -11.76
C ILE A 204 5.86 27.02 -11.27
N ALA A 205 5.75 27.84 -10.24
CA ALA A 205 4.46 28.28 -9.72
C ALA A 205 3.73 29.19 -10.75
N ALA A 206 4.44 30.19 -11.26
CA ALA A 206 3.88 31.09 -12.24
C ALA A 206 3.41 30.34 -13.51
N LEU A 207 4.24 29.40 -13.99
CA LEU A 207 3.89 28.59 -15.18
C LEU A 207 2.70 27.70 -14.91
N ALA A 208 2.69 27.03 -13.75
CA ALA A 208 1.56 26.16 -13.41
C ALA A 208 0.25 26.98 -13.35
N ALA A 209 0.32 28.15 -12.72
CA ALA A 209 -0.87 29.03 -12.59
C ALA A 209 -1.36 29.51 -13.97
N ARG A 210 -0.41 29.95 -14.79
CA ARG A 210 -0.70 30.42 -16.16
CA ARG A 210 -0.69 30.42 -16.14
C ARG A 210 -1.38 29.32 -16.99
N TYR A 211 -0.93 28.07 -16.87
CA TYR A 211 -1.53 26.97 -17.68
C TYR A 211 -2.59 26.11 -16.95
N GLY A 212 -2.91 26.46 -15.71
CA GLY A 212 -3.82 25.64 -14.89
C GLY A 212 -3.35 24.20 -14.71
N ALA A 213 -2.06 24.01 -14.51
CA ALA A 213 -1.48 22.68 -14.34
C ALA A 213 -1.42 22.35 -12.87
N THR A 214 -1.53 21.07 -12.56
CA THR A 214 -1.39 20.56 -11.23
C THR A 214 0.07 20.18 -11.07
N VAL A 215 0.65 20.51 -9.92
CA VAL A 215 2.04 20.13 -9.62
C VAL A 215 2.08 19.20 -8.44
N ILE A 216 2.81 18.09 -8.58
CA ILE A 216 3.12 17.18 -7.45
C ILE A 216 4.58 17.40 -7.01
N ALA A 217 4.76 17.99 -5.85
CA ALA A 217 6.09 18.33 -5.33
C ALA A 217 6.51 17.22 -4.39
N ASP A 218 7.51 16.43 -4.81
CA ASP A 218 8.02 15.31 -3.97
C ASP A 218 9.21 15.77 -3.16
N GLN A 219 8.92 16.18 -1.92
CA GLN A 219 9.89 16.81 -1.03
C GLN A 219 10.38 15.86 0.06
N LEU A 220 10.45 14.56 -0.29
CA LEU A 220 10.84 13.46 0.65
C LEU A 220 12.06 13.77 1.49
N TYR A 221 13.09 14.35 0.87
CA TYR A 221 14.39 14.51 1.55
C TYR A 221 14.66 15.99 1.89
N SER A 222 13.61 16.80 1.94
CA SER A 222 13.75 18.24 2.06
C SER A 222 14.15 18.68 3.46
N ARG A 223 13.97 17.81 4.44
CA ARG A 223 14.30 18.16 5.82
C ARG A 223 15.79 18.11 6.11
N LEU A 224 16.49 17.24 5.40
CA LEU A 224 17.95 17.08 5.61
C LEU A 224 18.67 18.14 4.79
N ARG A 225 18.57 19.39 5.23
CA ARG A 225 19.02 20.57 4.44
C ARG A 225 20.35 21.01 4.98
N TYR A 226 21.36 21.05 4.14
CA TYR A 226 22.71 21.37 4.62
C TYR A 226 22.84 22.84 4.94
N ALA A 227 23.70 23.16 5.91
CA ALA A 227 23.89 24.53 6.36
C ALA A 227 24.41 25.33 5.19
N GLY A 228 23.85 26.52 5.01
CA GLY A 228 24.22 27.38 3.88
C GLY A 228 23.42 27.11 2.60
N ALA A 229 22.52 26.10 2.63
CA ALA A 229 21.64 25.81 1.48
C ALA A 229 20.26 26.40 1.76
N SER A 230 19.69 27.04 0.74
CA SER A 230 18.33 27.53 0.78
CA SER A 230 18.32 27.50 0.82
C SER A 230 17.41 26.42 0.27
N TYR A 231 16.17 26.41 0.77
CA TYR A 231 15.12 25.53 0.23
C TYR A 231 13.86 26.35 0.08
N THR A 232 13.20 26.23 -1.06
CA THR A 232 11.97 26.97 -1.34
C THR A 232 10.82 25.98 -1.60
N HIS A 233 9.74 26.13 -0.83
CA HIS A 233 8.56 25.26 -0.95
C HIS A 233 7.55 25.77 -2.02
N LEU A 234 7.34 24.98 -3.06
CA LEU A 234 6.39 25.36 -4.13
C LEU A 234 5.01 25.78 -3.58
N ARG A 235 4.52 25.04 -2.59
CA ARG A 235 3.19 25.23 -2.07
C ARG A 235 3.01 26.56 -1.31
N ALA A 236 4.11 27.19 -0.90
CA ALA A 236 4.04 28.55 -0.28
C ALA A 236 4.14 29.71 -1.30
N GLU A 237 4.32 29.41 -2.60
CA GLU A 237 4.44 30.50 -3.60
C GLU A 237 3.09 31.24 -3.77
N ALA A 238 3.15 32.57 -3.72
CA ALA A 238 2.00 33.43 -3.92
C ALA A 238 1.33 33.21 -5.30
N ALA A 239 2.13 33.00 -6.34
CA ALA A 239 1.60 32.84 -7.72
C ALA A 239 0.79 31.55 -7.91
N VAL A 240 1.06 30.53 -7.09
CA VAL A 240 0.45 29.20 -7.28
C VAL A 240 -0.87 29.07 -6.54
N ASP A 241 -1.79 28.31 -7.12
CA ASP A 241 -3.03 27.94 -6.46
C ASP A 241 -2.73 26.75 -5.52
N ALA A 242 -2.96 26.95 -4.22
CA ALA A 242 -2.77 25.90 -3.23
C ALA A 242 -3.58 24.65 -3.55
N GLU A 243 -4.74 24.83 -4.18
CA GLU A 243 -5.63 23.71 -4.53
C GLU A 243 -5.25 22.95 -5.80
N ASN A 244 -4.22 23.41 -6.53
CA ASN A 244 -3.61 22.63 -7.62
C ASN A 244 -2.18 22.17 -7.31
N VAL A 245 -1.82 22.13 -6.02
CA VAL A 245 -0.54 21.56 -5.60
C VAL A 245 -0.79 20.41 -4.64
N VAL A 246 -0.08 19.31 -4.82
CA VAL A 246 0.04 18.29 -3.81
C VAL A 246 1.51 18.14 -3.45
N THR A 247 1.83 18.22 -2.17
CA THR A 247 3.18 18.00 -1.69
C THR A 247 3.26 16.68 -0.96
N ILE A 248 4.26 15.84 -1.30
CA ILE A 248 4.45 14.57 -0.62
C ILE A 248 5.81 14.49 0.08
N GLY A 250 7.82 12.35 3.88
CA GLY A 250 7.64 11.49 5.01
C GLY A 250 8.95 11.22 5.73
N PRO A 251 8.91 10.34 6.77
CA PRO A 251 10.06 10.14 7.64
C PRO A 251 10.98 8.96 7.27
N SER A 252 10.80 8.38 6.08
CA SER A 252 11.51 7.19 5.69
C SER A 252 13.04 7.38 5.66
N THR A 254 15.29 10.75 5.99
CA THR A 254 15.93 11.71 6.92
C THR A 254 15.86 11.22 8.35
N GLU A 255 14.73 10.64 8.74
CA GLU A 255 14.49 10.16 10.10
C GLU A 255 14.73 8.64 10.28
N SER A 256 15.06 7.98 9.18
CA SER A 256 15.41 6.56 9.17
C SER A 256 14.26 5.67 9.64
N LEU A 257 13.03 6.05 9.26
CA LEU A 257 11.81 5.30 9.67
C LEU A 257 11.23 4.47 8.57
N SER A 258 12.02 4.22 7.50
CA SER A 258 11.55 3.49 6.31
C SER A 258 10.87 2.17 6.65
N GLY A 259 11.37 1.46 7.64
CA GLY A 259 10.78 0.17 8.02
C GLY A 259 9.36 0.21 8.55
N TYR A 260 8.92 1.37 9.07
CA TYR A 260 7.52 1.54 9.46
C TYR A 260 6.56 1.82 8.25
N ARG A 261 7.13 2.27 7.12
CA ARG A 261 6.39 2.52 5.86
C ARG A 261 5.33 3.61 5.98
N LEU A 262 5.79 4.85 6.13
CA LEU A 262 4.94 6.00 6.39
C LEU A 262 5.30 7.16 5.47
N GLY A 263 4.27 7.74 4.84
CA GLY A 263 4.39 9.02 4.14
C GLY A 263 3.14 9.86 4.34
N VAL A 264 3.19 11.12 3.88
CA VAL A 264 2.01 11.99 3.84
C VAL A 264 1.90 12.72 2.51
N ALA A 265 0.67 12.99 2.08
CA ALA A 265 0.38 13.93 1.01
C ALA A 265 -0.50 15.02 1.55
N PHE A 266 -0.21 16.26 1.18
CA PHE A 266 -1.08 17.36 1.55
C PHE A 266 -1.18 18.42 0.49
N GLY A 267 -2.37 19.02 0.42
CA GLY A 267 -2.63 20.13 -0.47
C GLY A 267 -4.05 20.05 -0.97
N SER A 268 -4.22 20.16 -2.29
CA SER A 268 -5.52 20.10 -2.96
C SER A 268 -6.54 19.18 -2.33
N ARG A 269 -7.66 19.75 -1.92
CA ARG A 269 -8.71 18.95 -1.31
CA ARG A 269 -8.80 18.99 -1.34
C ARG A 269 -9.36 17.98 -2.33
N ALA A 270 -9.51 18.42 -3.60
CA ALA A 270 -10.06 17.60 -4.66
C ALA A 270 -9.19 16.40 -4.93
N ILE A 271 -7.90 16.63 -5.09
CA ILE A 271 -6.99 15.54 -5.43
C ILE A 271 -6.79 14.59 -4.20
N ILE A 272 -6.72 15.15 -3.00
CA ILE A 272 -6.53 14.36 -1.78
C ILE A 272 -7.72 13.44 -1.50
N ALA A 273 -8.92 13.93 -1.82
CA ALA A 273 -10.15 13.15 -1.71
C ALA A 273 -10.11 11.94 -2.60
N ARG A 274 -9.65 12.14 -3.83
CA ARG A 274 -9.50 11.03 -4.81
C ARG A 274 -8.49 10.03 -4.33
N GLU A 276 -7.64 9.38 -1.15
CA GLU A 276 -8.22 8.64 -0.03
CA GLU A 276 -8.27 8.66 -0.03
C GLU A 276 -9.15 7.51 -0.52
N LYS A 277 -9.95 7.79 -1.54
CA LYS A 277 -10.90 6.80 -2.07
C LYS A 277 -10.15 5.65 -2.70
N LEU A 278 -9.10 5.97 -3.46
CA LEU A 278 -8.26 4.94 -4.07
C LEU A 278 -7.48 4.11 -3.02
N GLN A 279 -6.95 4.76 -2.00
CA GLN A 279 -6.19 4.08 -0.94
C GLN A 279 -7.02 2.96 -0.33
N ALA A 280 -8.34 3.17 -0.19
CA ALA A 280 -9.22 2.18 0.40
C ALA A 280 -9.10 0.82 -0.30
N ILE A 281 -8.95 0.84 -1.63
CA ILE A 281 -8.82 -0.39 -2.42
C ILE A 281 -7.37 -0.79 -2.80
N VAL A 282 -6.38 0.11 -2.62
CA VAL A 282 -4.97 -0.22 -2.81
C VAL A 282 -4.40 -0.98 -1.61
N SER A 283 -4.67 -0.51 -0.40
CA SER A 283 -4.13 -1.16 0.81
C SER A 283 -4.90 -0.89 2.10
N LEU A 284 -6.14 -0.33 1.97
CA LEU A 284 -6.99 0.19 3.08
C LEU A 284 -6.43 1.46 3.72
N ARG A 285 -5.23 1.38 4.32
CA ARG A 285 -4.66 2.46 5.14
C ARG A 285 -3.15 2.23 5.31
N ALA A 286 -2.40 3.27 5.67
CA ALA A 286 -1.07 3.07 6.26
C ALA A 286 -1.21 2.19 7.49
N ALA A 287 -0.24 1.33 7.72
CA ALA A 287 -0.37 0.34 8.77
C ALA A 287 -0.76 1.06 10.06
N GLY A 288 -1.83 0.60 10.68
CA GLY A 288 -2.37 1.27 11.82
C GLY A 288 -1.34 1.45 12.93
N TYR A 289 -0.62 0.40 13.27
CA TYR A 289 0.36 0.52 14.35
C TYR A 289 1.52 1.44 13.96
N SER A 290 1.96 1.36 12.69
CA SER A 290 3.04 2.25 12.18
C SER A 290 2.70 3.70 12.36
N GLN A 291 1.44 4.06 12.08
CA GLN A 291 0.99 5.44 12.17
C GLN A 291 1.38 6.10 13.51
N ALA A 292 1.40 5.33 14.59
CA ALA A 292 1.74 5.88 15.91
C ALA A 292 3.08 6.63 15.93
N VAL A 293 4.05 6.19 15.13
CA VAL A 293 5.38 6.78 15.22
C VAL A 293 5.41 8.21 14.73
N LEU A 294 4.42 8.58 13.90
CA LEU A 294 4.30 9.96 13.41
C LEU A 294 3.97 10.97 14.53
N ARG A 295 3.52 10.50 15.69
CA ARG A 295 3.33 11.39 16.83
C ARG A 295 4.61 12.11 17.25
N GLY A 296 5.78 11.51 16.96
CA GLY A 296 7.08 12.14 17.23
C GLY A 296 7.68 12.96 16.06
N TRP A 297 7.05 12.91 14.88
CA TRP A 297 7.65 13.47 13.68
C TRP A 297 7.53 14.98 13.72
N PHE A 298 8.65 15.68 13.48
CA PHE A 298 8.77 17.13 13.76
C PHE A 298 8.61 17.51 15.24
N ASP A 299 8.81 16.57 16.17
CA ASP A 299 8.84 16.88 17.59
C ASP A 299 9.99 16.15 18.23
N GLU A 300 11.10 16.02 17.48
CA GLU A 300 12.30 15.36 18.00
C GLU A 300 12.99 16.31 18.97
N ALA A 301 13.93 15.78 19.76
CA ALA A 301 14.59 16.58 20.78
C ALA A 301 15.36 17.75 20.14
N PRO A 302 15.43 18.90 20.84
CA PRO A 302 16.26 19.98 20.33
C PRO A 302 17.69 19.51 20.05
N GLY A 303 18.24 19.97 18.94
CA GLY A 303 19.60 19.59 18.55
C GLY A 303 19.71 18.31 17.72
N TRP A 304 18.68 17.46 17.74
CA TRP A 304 18.80 16.13 17.12
C TRP A 304 18.93 16.23 15.60
N GLU A 306 19.61 18.91 13.79
CA GLU A 306 20.79 19.68 13.52
C GLU A 306 22.04 18.77 13.51
N ASP A 307 22.18 17.91 14.53
CA ASP A 307 23.33 16.98 14.62
C ASP A 307 23.32 16.01 13.46
N ARG A 308 22.17 15.46 13.14
CA ARG A 308 22.07 14.53 12.02
C ARG A 308 22.53 15.20 10.71
N ILE A 309 22.07 16.43 10.46
CA ILE A 309 22.45 17.15 9.27
C ILE A 309 23.96 17.35 9.26
N ALA A 310 24.52 17.70 10.42
CA ALA A 310 25.97 17.98 10.51
C ALA A 310 26.81 16.70 10.24
N ARG A 311 26.36 15.57 10.77
CA ARG A 311 27.01 14.29 10.49
C ARG A 311 26.97 13.92 9.00
N HIS A 312 25.79 14.08 8.38
CA HIS A 312 25.66 13.82 6.94
C HIS A 312 26.47 14.78 6.09
N GLN A 313 26.56 16.05 6.52
CA GLN A 313 27.29 17.08 5.76
C GLN A 313 28.80 16.81 5.72
N ALA A 314 29.32 16.28 6.82
CA ALA A 314 30.73 15.88 6.89
C ALA A 314 31.01 14.71 5.94
N ILE A 315 30.07 13.75 5.89
CA ILE A 315 30.20 12.63 4.95
C ILE A 315 30.19 13.16 3.56
N ARG A 316 29.19 13.99 3.27
CA ARG A 316 29.04 14.61 1.93
C ARG A 316 30.33 15.23 1.47
N ASP A 317 30.92 16.06 2.34
CA ASP A 317 32.08 16.89 1.97
C ASP A 317 33.29 16.02 1.68
N GLU A 318 33.49 14.97 2.48
CA GLU A 318 34.65 14.11 2.33
CA GLU A 318 34.65 14.11 2.33
C GLU A 318 34.51 13.27 1.07
N LEU A 319 33.30 12.80 0.80
CA LEU A 319 33.07 11.98 -0.38
C LEU A 319 33.23 12.80 -1.62
N LEU A 320 32.78 14.05 -1.59
CA LEU A 320 33.04 14.98 -2.69
C LEU A 320 34.53 15.20 -2.93
N HIS A 321 35.29 15.36 -1.86
CA HIS A 321 36.75 15.57 -1.97
C HIS A 321 37.41 14.38 -2.65
N VAL A 322 37.04 13.19 -2.20
CA VAL A 322 37.57 11.94 -2.78
C VAL A 322 37.15 11.79 -4.24
N LEU A 323 35.87 11.96 -4.52
CA LEU A 323 35.36 11.71 -5.89
C LEU A 323 35.89 12.71 -6.87
N ARG A 324 35.99 13.99 -6.46
CA ARG A 324 36.48 15.06 -7.34
C ARG A 324 37.98 15.06 -7.50
N GLY A 325 38.70 14.45 -6.57
CA GLY A 325 40.13 14.19 -6.72
C GLY A 325 40.51 13.44 -8.00
N GLU A 327 40.28 13.14 -11.81
CA GLU A 327 40.19 14.19 -12.86
C GLU A 327 38.89 14.16 -13.67
N GLY A 328 38.44 12.96 -14.06
CA GLY A 328 37.30 12.84 -14.99
C GLY A 328 35.94 12.69 -14.32
N VAL A 329 35.89 12.77 -13.00
CA VAL A 329 34.64 12.69 -12.26
C VAL A 329 34.05 14.11 -12.02
N PHE A 330 32.74 14.25 -12.28
CA PHE A 330 31.97 15.42 -11.88
C PHE A 330 30.88 15.02 -10.92
N ALA A 331 30.66 15.85 -9.91
CA ALA A 331 29.48 15.71 -9.06
C ALA A 331 29.02 17.05 -8.55
N ARG A 332 27.72 17.32 -8.66
CA ARG A 332 27.11 18.43 -7.98
C ARG A 332 27.15 18.22 -6.47
N THR A 333 27.37 19.32 -5.72
CA THR A 333 27.24 19.32 -4.22
C THR A 333 25.78 19.12 -3.84
N PRO A 334 25.46 18.00 -3.13
CA PRO A 334 24.10 17.85 -2.66
C PRO A 334 23.73 18.97 -1.70
N GLN A 335 22.54 19.54 -1.89
CA GLN A 335 22.07 20.67 -1.07
C GLN A 335 20.99 20.24 -0.07
N ALA A 336 20.34 19.11 -0.33
CA ALA A 336 19.53 18.44 0.69
C ALA A 336 19.48 16.97 0.36
N GLY A 337 19.28 16.16 1.38
CA GLY A 337 19.21 14.70 1.21
C GLY A 337 20.58 14.04 1.11
N SER A 338 20.58 12.71 1.01
CA SER A 338 21.80 11.92 1.11
C SER A 338 22.18 11.28 -0.22
N TYR A 339 21.83 11.93 -1.33
CA TYR A 339 22.23 11.42 -2.65
C TYR A 339 23.38 12.19 -3.29
N LEU A 340 24.37 11.45 -3.79
CA LEU A 340 25.39 11.96 -4.71
C LEU A 340 25.21 11.29 -6.05
N PHE A 341 25.51 11.99 -7.14
CA PHE A 341 25.30 11.46 -8.49
C PHE A 341 26.50 11.78 -9.37
N PRO A 342 27.64 11.11 -9.10
CA PRO A 342 28.85 11.34 -9.92
C PRO A 342 28.75 10.86 -11.34
N ARG A 343 29.23 11.67 -12.27
CA ARG A 343 29.40 11.27 -13.66
C ARG A 343 30.81 10.78 -13.87
N LEU A 344 30.93 9.60 -14.47
CA LEU A 344 32.21 8.91 -14.56
C LEU A 344 32.83 9.11 -15.92
N PRO A 345 34.18 9.06 -16.01
CA PRO A 345 34.84 9.24 -17.31
C PRO A 345 34.62 8.06 -18.22
N LYS A 346 35.14 8.15 -19.42
CA LYS A 346 35.05 7.03 -20.38
C LYS A 346 35.90 5.89 -19.84
N LEU A 347 35.25 4.76 -19.62
CA LEU A 347 35.89 3.54 -19.16
C LEU A 347 36.05 2.57 -20.31
N ALA A 348 37.04 1.69 -20.20
CA ALA A 348 37.24 0.61 -21.15
C ALA A 348 36.14 -0.47 -21.09
N VAL A 349 35.28 -0.41 -20.06
CA VAL A 349 34.08 -1.26 -19.98
C VAL A 349 32.86 -0.40 -20.06
N ALA A 350 31.71 -1.03 -20.34
CA ALA A 350 30.44 -0.32 -20.37
C ALA A 350 30.04 0.09 -18.95
N PRO A 351 29.17 1.13 -18.83
CA PRO A 351 28.64 1.53 -17.52
C PRO A 351 27.98 0.42 -16.73
N ALA A 352 27.13 -0.37 -17.40
CA ALA A 352 26.46 -1.50 -16.74
C ALA A 352 27.47 -2.48 -16.19
N GLU A 353 28.46 -2.82 -17.03
CA GLU A 353 29.55 -3.71 -16.64
C GLU A 353 30.35 -3.12 -15.43
N PHE A 354 30.54 -1.80 -15.41
CA PHE A 354 31.36 -1.17 -14.35
C PHE A 354 30.68 -1.21 -12.97
N VAL A 355 29.36 -1.10 -12.94
CA VAL A 355 28.59 -1.31 -11.71
C VAL A 355 28.75 -2.74 -11.16
N LYS A 356 28.78 -3.73 -12.04
CA LYS A 356 29.04 -5.11 -11.61
C LYS A 356 30.46 -5.28 -11.07
N ILE A 357 31.41 -4.61 -11.74
CA ILE A 357 32.81 -4.64 -11.33
C ILE A 357 33.02 -3.96 -9.95
N LEU A 358 32.33 -2.84 -9.71
CA LEU A 358 32.40 -2.18 -8.39
C LEU A 358 31.90 -3.10 -7.26
N ARG A 359 30.85 -3.88 -7.52
CA ARG A 359 30.37 -4.88 -6.55
C ARG A 359 31.40 -5.97 -6.34
N LEU A 360 31.81 -6.61 -7.44
CA LEU A 360 32.69 -7.79 -7.39
C LEU A 360 34.13 -7.47 -6.95
N GLN A 361 34.68 -6.33 -7.38
CA GLN A 361 36.06 -5.96 -7.05
C GLN A 361 36.23 -4.97 -5.88
N ALA A 362 35.19 -4.23 -5.50
CA ALA A 362 35.29 -3.27 -4.37
C ALA A 362 34.31 -3.52 -3.19
N GLY A 363 33.42 -4.48 -3.33
CA GLY A 363 32.35 -4.68 -2.33
C GLY A 363 31.44 -3.46 -2.18
N VAL A 364 31.20 -2.77 -3.31
CA VAL A 364 30.45 -1.56 -3.33
C VAL A 364 29.23 -1.71 -4.24
N VAL A 365 28.04 -1.48 -3.71
CA VAL A 365 26.83 -1.43 -4.51
C VAL A 365 26.47 0.03 -4.77
N VAL A 366 26.38 0.39 -6.05
CA VAL A 366 25.85 1.68 -6.48
C VAL A 366 24.72 1.48 -7.43
N THR A 367 23.91 2.52 -7.58
CA THR A 367 22.71 2.45 -8.39
C THR A 367 23.04 2.99 -9.78
N PRO A 368 22.71 2.23 -10.85
CA PRO A 368 23.06 2.70 -12.18
C PRO A 368 22.25 3.94 -12.61
N GLY A 369 22.90 4.84 -13.35
CA GLY A 369 22.30 6.09 -13.75
C GLY A 369 21.12 5.98 -14.67
N THR A 370 20.98 4.81 -15.34
CA THR A 370 19.85 4.53 -16.22
C THR A 370 18.50 4.39 -15.48
N GLU A 371 18.52 4.20 -14.17
CA GLU A 371 17.26 4.17 -13.40
CA GLU A 371 17.27 4.16 -13.40
C GLU A 371 16.53 5.51 -13.44
N PHE A 372 17.30 6.60 -13.67
CA PHE A 372 16.81 7.98 -13.49
C PHE A 372 16.55 8.70 -14.79
N SER A 373 17.22 8.30 -15.86
CA SER A 373 17.04 8.86 -17.17
C SER A 373 17.78 7.96 -18.15
N PRO A 374 17.27 7.85 -19.37
CA PRO A 374 18.04 7.10 -20.36
C PRO A 374 19.36 7.79 -20.77
N HIS A 375 19.55 9.06 -20.40
CA HIS A 375 20.68 9.86 -20.89
C HIS A 375 21.72 10.15 -19.81
N THR A 376 21.58 9.50 -18.65
CA THR A 376 22.59 9.56 -17.59
C THR A 376 23.18 8.15 -17.31
N ALA A 377 23.43 7.40 -18.39
CA ALA A 377 23.99 6.05 -18.28
C ALA A 377 25.44 6.04 -17.74
N ASP A 378 26.20 7.10 -17.96
CA ASP A 378 27.56 7.16 -17.42
C ASP A 378 27.66 7.73 -15.98
N SER A 379 26.53 7.95 -15.32
CA SER A 379 26.51 8.31 -13.89
C SER A 379 26.04 7.14 -12.99
N VAL A 380 26.33 7.25 -11.71
CA VAL A 380 25.88 6.30 -10.70
C VAL A 380 25.44 7.11 -9.49
N ARG A 381 24.44 6.60 -8.76
CA ARG A 381 23.93 7.23 -7.58
C ARG A 381 24.40 6.52 -6.36
N LEU A 382 24.81 7.29 -5.36
CA LEU A 382 25.15 6.77 -4.05
C LEU A 382 24.23 7.43 -3.05
N ASN A 383 23.64 6.61 -2.18
CA ASN A 383 23.13 7.10 -0.94
C ASN A 383 24.22 7.03 0.09
N PHE A 384 24.63 8.20 0.60
CA PHE A 384 25.75 8.27 1.53
C PHE A 384 25.32 8.40 3.00
N SER A 385 24.06 8.04 3.31
CA SER A 385 23.64 7.89 4.68
C SER A 385 24.17 6.53 5.21
N GLN A 386 25.46 6.55 5.57
CA GLN A 386 26.25 5.35 5.77
C GLN A 386 27.14 5.53 7.03
N ASP A 387 27.87 4.48 7.40
CA ASP A 387 28.98 4.65 8.34
C ASP A 387 30.01 5.57 7.68
N HIS A 388 30.41 6.64 8.39
CA HIS A 388 31.30 7.68 7.80
C HIS A 388 32.60 7.07 7.30
N GLU A 389 33.34 6.38 8.19
CA GLU A 389 34.66 5.84 7.82
C GLU A 389 34.55 4.78 6.72
N ALA A 390 33.59 3.87 6.84
CA ALA A 390 33.35 2.88 5.79
C ALA A 390 33.02 3.52 4.45
N ALA A 391 32.25 4.61 4.48
CA ALA A 391 31.77 5.26 3.25
C ALA A 391 32.93 5.90 2.46
N VAL A 392 33.84 6.54 3.18
CA VAL A 392 34.97 7.21 2.59
C VAL A 392 35.99 6.20 2.06
N ALA A 393 36.27 5.14 2.84
CA ALA A 393 37.14 4.04 2.36
C ALA A 393 36.59 3.40 1.07
N ALA A 394 35.26 3.19 1.00
CA ALA A 394 34.60 2.67 -0.24
C ALA A 394 34.68 3.63 -1.45
N ALA A 395 34.53 4.91 -1.18
CA ALA A 395 34.70 5.91 -2.22
C ALA A 395 36.09 5.82 -2.83
N ARG A 396 37.11 5.67 -1.98
CA ARG A 396 38.48 5.54 -2.47
C ARG A 396 38.68 4.30 -3.36
N ARG A 397 38.05 3.18 -3.01
CA ARG A 397 38.07 2.00 -3.86
C ARG A 397 37.40 2.29 -5.22
N ILE A 398 36.28 3.04 -5.22
CA ILE A 398 35.58 3.40 -6.45
C ILE A 398 36.53 4.16 -7.39
N VAL A 399 37.15 5.19 -6.84
CA VAL A 399 38.12 6.01 -7.56
C VAL A 399 39.33 5.21 -8.03
N THR A 400 39.83 4.28 -7.21
CA THR A 400 40.94 3.39 -7.64
C THR A 400 40.52 2.60 -8.87
N LEU A 401 39.28 2.11 -8.91
CA LEU A 401 38.85 1.25 -10.01
C LEU A 401 38.53 2.08 -11.26
N VAL A 402 38.07 3.32 -11.07
CA VAL A 402 37.89 4.22 -12.21
C VAL A 402 39.22 4.43 -12.93
N GLU A 403 40.28 4.70 -12.15
CA GLU A 403 41.64 4.86 -12.70
C GLU A 403 42.12 3.58 -13.42
N ARG A 404 41.90 2.43 -12.77
CA ARG A 404 42.28 1.13 -13.36
C ARG A 404 41.57 0.82 -14.69
N TYR A 405 40.29 1.20 -14.78
CA TYR A 405 39.49 0.86 -15.98
C TYR A 405 39.33 2.04 -16.96
N ARG A 406 40.11 3.11 -16.72
CA ARG A 406 39.98 4.35 -17.48
C ARG A 406 40.40 4.06 -18.89
N ALA A 407 39.54 4.42 -19.84
CA ALA A 407 39.83 4.14 -21.23
C ALA A 407 41.02 4.98 -21.63
N SER B 3 -12.34 10.00 -18.29
CA SER B 3 -12.37 11.26 -17.48
C SER B 3 -12.05 10.95 -16.02
N ILE B 4 -11.06 11.63 -15.48
CA ILE B 4 -10.58 11.33 -14.11
C ILE B 4 -11.72 11.49 -13.05
N GLU B 5 -12.57 12.53 -13.22
CA GLU B 5 -13.59 12.87 -12.21
C GLU B 5 -14.64 11.75 -12.07
N ALA B 6 -15.14 11.25 -13.21
CA ALA B 6 -16.17 10.17 -13.22
C ALA B 6 -15.60 8.83 -12.72
N LYS B 7 -14.37 8.52 -13.16
CA LYS B 7 -13.61 7.34 -12.72
C LYS B 7 -13.60 7.24 -11.21
N PHE B 8 -13.24 8.33 -10.56
CA PHE B 8 -13.12 8.35 -9.10
C PHE B 8 -14.48 8.51 -8.36
N LYS B 9 -15.47 9.13 -9.00
CA LYS B 9 -16.88 9.15 -8.50
C LYS B 9 -17.44 7.74 -8.22
N LYS B 10 -17.09 6.80 -9.08
CA LYS B 10 -17.47 5.38 -8.89
C LYS B 10 -16.84 4.68 -7.64
N LEU B 11 -15.71 5.18 -7.15
CA LEU B 11 -15.09 4.62 -5.92
C LEU B 11 -15.76 5.07 -4.60
N GLY B 12 -16.66 6.07 -4.66
CA GLY B 12 -17.29 6.64 -3.44
C GLY B 12 -18.17 5.64 -2.67
N ARG B 22 -20.81 11.59 16.03
CA ARG B 22 -22.19 11.47 16.49
C ARG B 22 -23.10 11.28 15.26
N GLN B 23 -24.16 10.48 15.43
CA GLN B 23 -25.17 10.29 14.37
C GLN B 23 -26.20 11.41 14.48
N SER B 24 -26.45 12.08 13.35
CA SER B 24 -27.44 13.17 13.29
C SER B 24 -28.81 12.59 12.90
N ALA B 25 -29.87 13.24 13.38
CA ALA B 25 -31.23 12.88 13.02
C ALA B 25 -31.70 13.58 11.71
N ALA B 26 -30.80 14.33 11.06
CA ALA B 26 -31.21 15.18 9.95
C ALA B 26 -31.72 14.30 8.84
N GLY B 27 -32.94 14.61 8.38
CA GLY B 27 -33.62 13.79 7.36
C GLY B 27 -34.38 12.58 7.92
N LEU B 28 -34.27 12.33 9.24
CA LEU B 28 -34.95 11.18 9.85
C LEU B 28 -36.02 11.60 10.90
N GLU B 29 -36.35 12.89 10.98
CA GLU B 29 -37.14 13.36 12.11
C GLU B 29 -38.58 12.85 12.04
N ALA B 30 -39.10 12.67 10.82
CA ALA B 30 -40.45 12.12 10.60
C ALA B 30 -40.52 10.60 10.70
N LEU B 31 -39.35 9.94 10.71
CA LEU B 31 -39.24 8.47 10.65
C LEU B 31 -38.88 7.82 12.00
N ILE B 32 -38.24 8.57 12.88
CA ILE B 32 -37.74 7.98 14.15
C ILE B 32 -38.88 7.69 15.12
N ARG B 33 -38.86 6.47 15.69
CA ARG B 33 -39.88 5.99 16.63
C ARG B 33 -39.23 5.73 17.95
N GLY B 34 -39.82 6.24 19.03
CA GLY B 34 -39.38 5.90 20.37
C GLY B 34 -38.08 6.57 20.78
N ALA B 35 -37.59 6.19 21.97
CA ALA B 35 -36.29 6.67 22.49
C ALA B 35 -35.19 5.62 22.24
N PRO B 36 -33.91 6.00 22.49
CA PRO B 36 -32.82 5.02 22.38
C PRO B 36 -32.94 3.84 23.36
N ILE B 37 -32.23 2.76 23.06
CA ILE B 37 -32.13 1.60 23.94
C ILE B 37 -30.71 1.59 24.56
N GLU B 38 -30.66 1.72 25.89
CA GLU B 38 -29.38 1.79 26.62
CA GLU B 38 -29.40 1.76 26.66
C GLU B 38 -28.58 0.48 26.43
N GLY B 39 -27.24 0.59 26.46
CA GLY B 39 -26.34 -0.58 26.39
C GLY B 39 -24.98 -0.21 25.81
N ARG B 40 -24.00 -1.10 25.95
CA ARG B 40 -22.63 -0.81 25.47
C ARG B 40 -22.62 -0.77 23.94
N PRO B 41 -22.12 0.33 23.33
CA PRO B 41 -22.02 0.39 21.88
C PRO B 41 -21.15 -0.72 21.32
N VAL B 42 -21.53 -1.27 20.18
CA VAL B 42 -20.72 -2.24 19.48
C VAL B 42 -20.62 -1.80 18.06
N ASP B 43 -19.39 -1.70 17.57
CA ASP B 43 -19.12 -1.42 16.17
C ASP B 43 -18.85 -2.75 15.45
N PHE B 44 -19.87 -3.28 14.77
CA PHE B 44 -19.75 -4.55 14.03
C PHE B 44 -19.15 -4.37 12.64
N SER B 45 -18.68 -3.15 12.30
CA SER B 45 -18.13 -2.90 10.95
C SER B 45 -16.79 -3.61 10.75
N HIS B 46 -16.04 -3.84 11.83
CA HIS B 46 -14.80 -4.65 11.76
C HIS B 46 -14.50 -5.35 13.10
N GLY B 47 -13.48 -6.20 13.09
CA GLY B 47 -13.10 -6.97 14.30
C GLY B 47 -12.54 -6.15 15.45
N ASP B 48 -12.75 -6.65 16.67
CA ASP B 48 -12.32 -5.99 17.88
C ASP B 48 -11.08 -6.72 18.32
N VAL B 49 -9.91 -6.10 18.09
CA VAL B 49 -8.65 -6.75 18.40
C VAL B 49 -8.25 -6.52 19.88
N ASP B 50 -9.13 -5.86 20.66
CA ASP B 50 -9.03 -5.87 22.14
C ASP B 50 -9.74 -7.12 22.71
N ALA B 51 -10.89 -7.49 22.16
CA ALA B 51 -11.63 -8.69 22.60
C ALA B 51 -10.92 -9.96 22.18
N HIS B 52 -10.34 -9.94 20.99
CA HIS B 52 -9.61 -11.11 20.46
C HIS B 52 -8.23 -10.63 19.99
N GLU B 53 -7.22 -10.86 20.84
CA GLU B 53 -5.94 -10.16 20.73
CA GLU B 53 -5.94 -10.17 20.74
C GLU B 53 -5.10 -10.66 19.55
N PRO B 54 -4.18 -9.78 19.06
CA PRO B 54 -3.18 -10.23 18.07
C PRO B 54 -2.40 -11.45 18.57
N THR B 55 -2.02 -12.32 17.65
CA THR B 55 -1.24 -13.50 18.00
C THR B 55 -0.25 -13.21 19.14
N PRO B 56 -0.24 -14.07 20.19
CA PRO B 56 0.81 -13.92 21.22
C PRO B 56 2.16 -14.10 20.58
N GLY B 57 3.12 -13.29 20.96
CA GLY B 57 4.44 -13.37 20.37
C GLY B 57 4.71 -12.44 19.21
N ALA B 58 3.66 -11.98 18.52
CA ALA B 58 3.84 -11.12 17.33
C ALA B 58 4.64 -9.86 17.65
N PHE B 59 4.26 -9.15 18.71
CA PHE B 59 4.95 -7.94 19.08
C PHE B 59 6.43 -8.21 19.47
N ASP B 60 6.70 -9.34 20.13
CA ASP B 60 8.07 -9.73 20.37
C ASP B 60 8.87 -9.95 19.06
N LEU B 61 8.24 -10.55 18.06
CA LEU B 61 8.88 -10.75 16.75
C LEU B 61 9.15 -9.42 16.08
N PHE B 62 8.18 -8.50 16.18
CA PHE B 62 8.30 -7.15 15.61
C PHE B 62 9.48 -6.43 16.28
N SER B 63 9.55 -6.55 17.61
CA SER B 63 10.56 -5.92 18.40
C SER B 63 11.99 -6.50 18.14
N ALA B 64 12.08 -7.80 17.96
CA ALA B 64 13.34 -8.43 17.55
C ALA B 64 13.80 -7.93 16.17
N GLY B 65 12.85 -7.72 15.26
CA GLY B 65 13.16 -7.21 13.90
C GLY B 65 13.69 -5.78 13.90
N VAL B 66 13.03 -4.92 14.67
CA VAL B 66 13.50 -3.56 14.80
C VAL B 66 14.94 -3.53 15.35
N GLN B 67 15.18 -4.26 16.44
CA GLN B 67 16.52 -4.39 17.02
C GLN B 67 17.55 -4.91 16.00
N SER B 68 17.15 -5.83 15.13
CA SER B 68 18.07 -6.37 14.10
C SER B 68 18.48 -5.31 13.06
N GLY B 69 17.60 -4.35 12.83
CA GLY B 69 17.95 -3.09 12.20
C GLY B 69 17.69 -3.10 10.69
N GLY B 70 18.67 -2.63 9.95
CA GLY B 70 18.50 -2.34 8.53
C GLY B 70 18.21 -3.55 7.69
N VAL B 71 18.70 -4.71 8.10
CA VAL B 71 18.36 -5.99 7.46
C VAL B 71 16.84 -6.29 7.48
N GLN B 72 16.14 -5.80 8.51
CA GLN B 72 14.67 -5.98 8.58
C GLN B 72 13.93 -4.80 7.92
N ALA B 73 14.47 -3.59 8.07
CA ALA B 73 13.82 -2.37 7.61
C ALA B 73 13.72 -2.35 6.10
N TYR B 74 14.76 -2.88 5.42
CA TYR B 74 14.77 -3.00 3.97
C TYR B 74 14.75 -4.47 3.51
N THR B 75 13.86 -4.76 2.57
CA THR B 75 13.69 -6.12 2.02
C THR B 75 13.52 -5.99 0.52
N GLU B 76 13.61 -7.12 -0.18
CA GLU B 76 13.24 -7.20 -1.58
C GLU B 76 11.81 -6.72 -1.71
N TYR B 77 11.46 -6.14 -2.85
CA TYR B 77 10.07 -5.62 -3.05
C TYR B 77 9.01 -6.69 -2.85
N ARG B 78 9.29 -7.91 -3.30
CA ARG B 78 8.35 -9.07 -3.09
C ARG B 78 8.30 -9.63 -1.65
N GLY B 79 9.22 -9.19 -0.80
CA GLY B 79 9.19 -9.49 0.63
C GLY B 79 10.47 -10.15 1.05
N ASP B 80 10.77 -10.06 2.34
CA ASP B 80 11.95 -10.69 2.94
C ASP B 80 12.10 -12.18 2.51
N LEU B 81 13.26 -12.52 1.97
CA LEU B 81 13.52 -13.86 1.44
C LEU B 81 13.44 -14.94 2.52
N GLY B 82 14.10 -14.73 3.64
CA GLY B 82 14.04 -15.69 4.76
C GLY B 82 12.60 -15.99 5.21
N ILE B 83 11.74 -14.98 5.21
CA ILE B 83 10.37 -15.13 5.67
C ILE B 83 9.54 -15.85 4.59
N ARG B 84 9.78 -15.52 3.33
CA ARG B 84 9.14 -16.27 2.26
C ARG B 84 9.50 -17.77 2.29
N ASP B 85 10.78 -18.08 2.50
CA ASP B 85 11.22 -19.46 2.66
C ASP B 85 10.60 -20.18 3.86
N LEU B 86 10.39 -19.48 4.97
CA LEU B 86 9.67 -20.04 6.13
C LEU B 86 8.19 -20.27 5.78
N LEU B 87 7.58 -19.32 5.08
CA LEU B 87 6.12 -19.35 4.91
C LEU B 87 5.66 -20.37 3.88
N ALA B 88 6.43 -20.55 2.80
CA ALA B 88 5.99 -21.38 1.66
C ALA B 88 5.57 -22.80 2.07
N PRO B 89 6.41 -23.49 2.90
CA PRO B 89 6.00 -24.82 3.41
C PRO B 89 4.73 -24.78 4.24
N ARG B 90 4.55 -23.72 5.01
CA ARG B 90 3.36 -23.59 5.86
C ARG B 90 2.10 -23.37 5.02
N LEU B 91 2.20 -22.49 4.04
CA LEU B 91 1.12 -22.22 3.11
C LEU B 91 0.86 -23.41 2.18
N ALA B 92 1.91 -24.18 1.84
CA ALA B 92 1.75 -25.43 1.09
C ALA B 92 0.96 -26.48 1.87
N ALA B 93 1.33 -26.67 3.15
CA ALA B 93 0.65 -27.61 4.04
C ALA B 93 -0.81 -27.19 4.25
N PHE B 94 -1.04 -25.90 4.47
CA PHE B 94 -2.39 -25.36 4.67
C PHE B 94 -3.32 -25.60 3.48
N THR B 95 -2.85 -25.23 2.29
CA THR B 95 -3.67 -25.33 1.06
C THR B 95 -3.60 -26.68 0.31
N GLY B 96 -2.68 -27.55 0.72
CA GLY B 96 -2.59 -28.91 0.11
C GLY B 96 -2.01 -28.93 -1.30
N ALA B 97 -1.20 -27.91 -1.64
CA ALA B 97 -0.47 -27.89 -2.93
C ALA B 97 0.85 -27.11 -2.77
N PRO B 98 1.83 -27.37 -3.67
CA PRO B 98 3.12 -26.69 -3.59
C PRO B 98 3.04 -25.16 -3.64
N VAL B 99 3.98 -24.52 -2.94
CA VAL B 99 4.15 -23.09 -2.97
C VAL B 99 5.64 -22.81 -3.24
N ASP B 100 5.89 -21.92 -4.17
CA ASP B 100 7.23 -21.56 -4.57
C ASP B 100 7.65 -20.25 -3.88
N ALA B 101 8.51 -20.34 -2.85
CA ALA B 101 8.99 -19.15 -2.11
C ALA B 101 9.66 -18.07 -2.98
N ARG B 102 10.41 -18.53 -4.00
CA ARG B 102 11.29 -17.64 -4.73
CA ARG B 102 11.31 -17.67 -4.76
CA ARG B 102 11.30 -17.66 -4.77
C ARG B 102 10.51 -16.84 -5.78
N ASP B 103 9.75 -17.53 -6.63
CA ASP B 103 9.05 -16.87 -7.74
C ASP B 103 7.52 -16.93 -7.68
N GLY B 104 6.96 -17.63 -6.69
CA GLY B 104 5.51 -17.78 -6.62
C GLY B 104 4.86 -17.29 -5.35
N LEU B 105 5.51 -16.34 -4.65
CA LEU B 105 5.05 -15.89 -3.32
C LEU B 105 5.47 -14.45 -3.10
N ILE B 106 4.49 -13.58 -2.86
CA ILE B 106 4.72 -12.17 -2.60
C ILE B 106 4.09 -11.81 -1.27
N ILE B 107 4.81 -11.00 -0.48
CA ILE B 107 4.28 -10.39 0.73
C ILE B 107 3.85 -8.95 0.46
N THR B 108 2.64 -8.60 0.92
CA THR B 108 1.92 -7.39 0.46
C THR B 108 1.38 -6.58 1.67
N PRO B 109 1.04 -5.28 1.43
CA PRO B 109 0.38 -4.48 2.47
C PRO B 109 -1.09 -4.90 2.68
N GLY B 110 -1.27 -5.89 3.57
CA GLY B 110 -2.58 -6.48 3.79
C GLY B 110 -2.92 -7.42 2.65
N THR B 111 -3.96 -8.21 2.85
CA THR B 111 -4.56 -8.96 1.78
C THR B 111 -5.23 -7.99 0.79
N GLN B 112 -5.67 -6.82 1.27
CA GLN B 112 -6.12 -5.76 0.34
C GLN B 112 -5.01 -5.40 -0.64
N GLY B 113 -3.78 -5.25 -0.13
CA GLY B 113 -2.61 -5.01 -0.97
C GLY B 113 -2.45 -6.05 -2.07
N ALA B 114 -2.59 -7.32 -1.69
CA ALA B 114 -2.52 -8.40 -2.62
C ALA B 114 -3.65 -8.38 -3.67
N LEU B 115 -4.87 -8.05 -3.22
CA LEU B 115 -6.02 -7.99 -4.08
C LEU B 115 -5.87 -6.91 -5.15
N PHE B 116 -5.49 -5.70 -4.73
CA PHE B 116 -5.22 -4.64 -5.68
C PHE B 116 -4.26 -5.08 -6.76
N LEU B 117 -3.12 -5.61 -6.34
CA LEU B 117 -2.05 -5.99 -7.27
C LEU B 117 -2.52 -7.11 -8.21
N ALA B 118 -3.23 -8.08 -7.64
CA ALA B 118 -3.70 -9.23 -8.39
C ALA B 118 -4.68 -8.79 -9.51
N VAL B 119 -5.58 -7.86 -9.19
CA VAL B 119 -6.50 -7.35 -10.21
C VAL B 119 -5.71 -6.49 -11.23
N ALA B 120 -4.78 -5.67 -10.73
CA ALA B 120 -3.95 -4.81 -11.63
C ALA B 120 -3.15 -5.64 -12.61
N ALA B 121 -2.63 -6.78 -12.14
CA ALA B 121 -1.82 -7.70 -12.98
C ALA B 121 -2.64 -8.57 -13.96
N THR B 122 -3.97 -8.58 -13.82
CA THR B 122 -4.80 -9.49 -14.59
C THR B 122 -5.93 -8.82 -15.42
N VAL B 123 -6.30 -7.58 -15.10
CA VAL B 123 -7.40 -6.91 -15.79
C VAL B 123 -6.90 -5.68 -16.59
N ALA B 124 -7.08 -5.73 -17.89
CA ALA B 124 -6.82 -4.59 -18.75
C ALA B 124 -8.12 -3.93 -19.14
N ARG B 125 -8.00 -2.75 -19.71
CA ARG B 125 -9.15 -1.99 -20.15
C ARG B 125 -10.06 -2.79 -21.12
N GLY B 126 -11.35 -2.91 -20.75
CA GLY B 126 -12.34 -3.62 -21.58
C GLY B 126 -12.45 -5.12 -21.32
N ASP B 127 -11.56 -5.69 -20.51
CA ASP B 127 -11.64 -7.13 -20.20
C ASP B 127 -12.87 -7.42 -19.36
N LYS B 128 -13.57 -8.50 -19.70
CA LYS B 128 -14.65 -9.01 -18.87
C LYS B 128 -14.12 -9.79 -17.63
N VAL B 129 -14.66 -9.46 -16.48
CA VAL B 129 -14.27 -10.10 -15.23
C VAL B 129 -15.51 -10.61 -14.52
N ALA B 130 -15.54 -11.91 -14.20
CA ALA B 130 -16.63 -12.51 -13.43
C ALA B 130 -16.47 -12.16 -11.96
N ILE B 131 -17.52 -11.56 -11.38
CA ILE B 131 -17.52 -11.12 -9.97
C ILE B 131 -18.80 -11.66 -9.35
N VAL B 132 -18.67 -12.23 -8.16
CA VAL B 132 -19.81 -12.77 -7.43
C VAL B 132 -20.61 -11.64 -6.76
N GLN B 133 -21.93 -11.79 -6.70
CA GLN B 133 -22.83 -10.90 -5.98
C GLN B 133 -23.68 -11.73 -5.01
N PRO B 134 -23.61 -11.45 -3.70
CA PRO B 134 -22.77 -10.51 -3.00
C PRO B 134 -21.35 -10.99 -2.84
N ASP B 135 -20.40 -10.04 -2.79
CA ASP B 135 -19.03 -10.35 -2.44
C ASP B 135 -18.30 -9.08 -1.93
N TYR B 136 -17.01 -9.22 -1.67
CA TYR B 136 -16.23 -8.23 -0.96
C TYR B 136 -16.33 -6.85 -1.64
N PHE B 137 -16.40 -5.80 -0.81
CA PHE B 137 -16.69 -4.40 -1.27
C PHE B 137 -15.73 -3.92 -2.36
N ALA B 138 -14.48 -4.35 -2.27
CA ALA B 138 -13.44 -3.86 -3.21
C ALA B 138 -13.52 -4.50 -4.62
N ASN B 139 -14.18 -5.64 -4.76
CA ASN B 139 -14.09 -6.47 -5.97
C ASN B 139 -14.62 -5.76 -7.22
N ARG B 140 -15.87 -5.30 -7.16
CA ARG B 140 -16.45 -4.48 -8.22
C ARG B 140 -15.64 -3.21 -8.50
N LYS B 141 -15.25 -2.51 -7.41
CA LYS B 141 -14.57 -1.22 -7.55
C LYS B 141 -13.21 -1.37 -8.21
N LEU B 142 -12.52 -2.48 -7.91
CA LEU B 142 -11.26 -2.77 -8.54
C LEU B 142 -11.39 -3.03 -10.04
N VAL B 143 -12.35 -3.88 -10.41
CA VAL B 143 -12.61 -4.17 -11.83
C VAL B 143 -12.90 -2.89 -12.58
N GLU B 144 -13.72 -2.05 -12.00
CA GLU B 144 -14.16 -0.86 -12.70
C GLU B 144 -13.07 0.25 -12.73
N PHE B 145 -12.22 0.30 -11.71
CA PHE B 145 -11.07 1.21 -11.71
C PHE B 145 -10.08 0.90 -12.82
N PHE B 146 -9.86 -0.38 -13.09
CA PHE B 146 -9.03 -0.77 -14.20
C PHE B 146 -9.82 -0.85 -15.56
N GLU B 147 -11.01 -0.24 -15.59
CA GLU B 147 -11.85 -0.15 -16.80
C GLU B 147 -12.17 -1.51 -17.44
N GLY B 148 -12.25 -2.55 -16.57
CA GLY B 148 -12.84 -3.83 -16.95
C GLY B 148 -14.34 -3.77 -16.89
N GLU B 149 -14.99 -4.77 -17.47
CA GLU B 149 -16.45 -4.89 -17.45
C GLU B 149 -16.82 -6.06 -16.53
N VAL B 151 -18.99 -8.91 -15.14
CA VAL B 151 -20.10 -9.82 -15.47
C VAL B 151 -20.48 -10.51 -14.16
N PRO B 152 -21.65 -10.13 -13.60
CA PRO B 152 -22.01 -10.67 -12.30
C PRO B 152 -22.40 -12.16 -12.36
N VAL B 153 -22.10 -12.88 -11.29
CA VAL B 153 -22.49 -14.25 -11.09
C VAL B 153 -23.24 -14.27 -9.76
N GLN B 154 -24.51 -14.68 -9.79
CA GLN B 154 -25.33 -14.70 -8.58
C GLN B 154 -24.82 -15.74 -7.59
N LEU B 155 -24.72 -15.35 -6.32
CA LEU B 155 -24.64 -16.28 -5.21
C LEU B 155 -26.01 -16.43 -4.64
N ASP B 156 -26.66 -17.57 -4.90
CA ASP B 156 -27.97 -17.83 -4.38
C ASP B 156 -27.83 -18.47 -2.99
N TYR B 157 -27.31 -17.68 -2.05
CA TYR B 157 -26.98 -18.17 -0.70
C TYR B 157 -28.19 -18.29 0.18
N VAL B 158 -29.32 -17.64 -0.19
CA VAL B 158 -30.52 -17.71 0.64
C VAL B 158 -31.24 -19.04 0.44
N SER B 159 -31.03 -19.95 1.40
CA SER B 159 -31.46 -21.34 1.28
C SER B 159 -31.30 -22.04 2.63
N ALA B 160 -32.21 -22.95 2.94
CA ALA B 160 -32.07 -23.89 4.08
C ALA B 160 -31.00 -24.97 3.82
N ASP B 161 -30.63 -25.18 2.55
CA ASP B 161 -29.55 -26.12 2.18
C ASP B 161 -28.21 -25.47 2.46
N GLU B 162 -27.56 -25.89 3.55
CA GLU B 162 -26.27 -25.35 3.94
C GLU B 162 -25.07 -26.26 3.53
N THR B 163 -25.25 -27.12 2.52
CA THR B 163 -24.17 -27.97 2.02
C THR B 163 -23.42 -27.32 0.84
N ARG B 164 -23.88 -26.16 0.40
CA ARG B 164 -23.13 -25.41 -0.58
C ARG B 164 -23.38 -23.95 -0.41
N ALA B 165 -22.50 -23.14 -0.99
CA ALA B 165 -22.60 -21.69 -0.92
C ALA B 165 -23.78 -21.19 -1.75
N GLY B 166 -23.98 -21.80 -2.91
CA GLY B 166 -25.12 -21.48 -3.79
C GLY B 166 -24.72 -20.72 -5.05
N LEU B 167 -23.46 -20.81 -5.47
CA LEU B 167 -23.01 -20.12 -6.68
C LEU B 167 -23.76 -20.64 -7.91
N ASP B 168 -24.19 -19.71 -8.76
CA ASP B 168 -24.77 -20.02 -10.05
C ASP B 168 -23.64 -20.39 -11.04
N LEU B 169 -23.34 -21.69 -11.12
CA LEU B 169 -22.21 -22.17 -11.94
C LEU B 169 -22.48 -22.07 -13.43
N THR B 170 -23.75 -22.20 -13.82
CA THR B 170 -24.13 -21.92 -15.19
C THR B 170 -23.87 -20.45 -15.54
N GLY B 171 -24.17 -19.53 -14.63
CA GLY B 171 -23.84 -18.12 -14.77
C GLY B 171 -22.35 -17.84 -14.93
N LEU B 172 -21.51 -18.56 -14.18
CA LEU B 172 -20.05 -18.41 -14.30
C LEU B 172 -19.59 -18.87 -15.68
N GLU B 173 -20.06 -20.05 -16.09
CA GLU B 173 -19.75 -20.57 -17.38
C GLU B 173 -20.14 -19.62 -18.49
N GLU B 174 -21.35 -19.06 -18.40
CA GLU B 174 -21.83 -18.09 -19.38
C GLU B 174 -20.96 -16.83 -19.40
N ALA B 175 -20.50 -16.37 -18.24
CA ALA B 175 -19.52 -15.30 -18.13
C ALA B 175 -18.26 -15.63 -18.94
N PHE B 176 -17.72 -16.83 -18.77
CA PHE B 176 -16.53 -17.23 -19.50
C PHE B 176 -16.83 -17.37 -20.99
N LYS B 177 -17.99 -17.92 -21.36
CA LYS B 177 -18.39 -18.00 -22.81
C LYS B 177 -18.43 -16.60 -23.42
N ALA B 178 -18.94 -15.64 -22.65
CA ALA B 178 -19.05 -14.25 -23.12
C ALA B 178 -17.69 -13.54 -23.28
N GLY B 179 -16.61 -14.12 -22.75
CA GLY B 179 -15.26 -13.59 -22.94
C GLY B 179 -14.50 -13.27 -21.65
N ALA B 180 -15.12 -13.48 -20.50
CA ALA B 180 -14.45 -13.27 -19.22
C ALA B 180 -13.27 -14.24 -19.10
N ARG B 181 -12.07 -13.70 -18.88
CA ARG B 181 -10.88 -14.55 -18.65
C ARG B 181 -10.27 -14.33 -17.29
N VAL B 182 -10.98 -13.60 -16.42
CA VAL B 182 -10.69 -13.57 -15.01
C VAL B 182 -11.96 -13.82 -14.16
N PHE B 183 -11.80 -14.56 -13.05
CA PHE B 183 -12.84 -14.72 -12.02
C PHE B 183 -12.20 -14.49 -10.64
N LEU B 184 -12.82 -13.58 -9.85
CA LEU B 184 -12.34 -13.19 -8.53
C LEU B 184 -13.46 -13.49 -7.56
N PHE B 185 -13.13 -14.19 -6.46
CA PHE B 185 -14.11 -14.51 -5.42
C PHE B 185 -13.46 -14.72 -4.07
N SER B 186 -14.23 -14.43 -3.00
CA SER B 186 -13.82 -14.74 -1.64
C SER B 186 -14.43 -16.06 -1.17
N ASN B 187 -13.63 -16.84 -0.45
CA ASN B 187 -14.00 -18.12 0.12
C ASN B 187 -13.24 -18.29 1.44
N PRO B 188 -13.94 -18.19 2.61
CA PRO B 188 -15.35 -17.96 2.77
C PRO B 188 -15.81 -16.61 2.22
N ASN B 189 -17.05 -16.58 1.72
CA ASN B 189 -17.67 -15.37 1.23
C ASN B 189 -17.72 -14.29 2.30
N ASN B 190 -17.22 -13.12 1.94
CA ASN B 190 -17.48 -11.88 2.66
C ASN B 190 -18.50 -11.18 1.76
N PRO B 191 -19.73 -10.98 2.22
CA PRO B 191 -20.21 -10.82 3.57
C PRO B 191 -20.93 -12.00 4.26
N ALA B 192 -21.29 -13.05 3.51
CA ALA B 192 -22.26 -14.07 4.03
C ALA B 192 -21.63 -15.15 4.97
N GLY B 193 -20.31 -15.38 4.85
CA GLY B 193 -19.60 -16.37 5.69
C GLY B 193 -19.77 -17.81 5.25
N VAL B 194 -20.41 -18.00 4.09
CA VAL B 194 -20.57 -19.33 3.52
C VAL B 194 -19.29 -19.78 2.80
N VAL B 195 -19.05 -21.08 2.81
CA VAL B 195 -17.83 -21.69 2.26
C VAL B 195 -18.25 -22.50 1.07
N TYR B 196 -17.48 -22.45 0.00
CA TYR B 196 -17.87 -23.17 -1.24
C TYR B 196 -17.64 -24.67 -1.02
N SER B 197 -18.59 -25.48 -1.48
CA SER B 197 -18.47 -26.95 -1.35
C SER B 197 -17.35 -27.50 -2.24
N ALA B 198 -16.92 -28.72 -1.93
CA ALA B 198 -15.98 -29.48 -2.78
C ALA B 198 -16.41 -29.51 -4.26
N GLU B 199 -17.70 -29.69 -4.49
CA GLU B 199 -18.25 -29.77 -5.83
C GLU B 199 -18.22 -28.38 -6.51
N GLU B 200 -18.60 -27.33 -5.79
CA GLU B 200 -18.51 -25.96 -6.34
C GLU B 200 -17.09 -25.59 -6.75
N ILE B 201 -16.12 -25.95 -5.92
CA ILE B 201 -14.74 -25.60 -6.19
C ILE B 201 -14.20 -26.44 -7.35
N GLY B 202 -14.66 -27.68 -7.45
CA GLY B 202 -14.30 -28.56 -8.56
C GLY B 202 -14.79 -28.03 -9.90
N GLN B 203 -16.02 -27.54 -9.89
CA GLN B 203 -16.61 -27.00 -11.11
CA GLN B 203 -16.65 -26.98 -11.10
C GLN B 203 -16.02 -25.65 -11.47
N ILE B 204 -15.67 -24.84 -10.47
CA ILE B 204 -14.99 -23.58 -10.71
C ILE B 204 -13.63 -23.88 -11.34
N ALA B 205 -12.91 -24.84 -10.79
CA ALA B 205 -11.64 -25.23 -11.34
C ALA B 205 -11.78 -25.72 -12.78
N ALA B 206 -12.77 -26.59 -13.04
CA ALA B 206 -12.98 -27.17 -14.38
C ALA B 206 -13.39 -26.10 -15.40
N LEU B 207 -14.26 -25.19 -14.99
CA LEU B 207 -14.71 -24.12 -15.91
C LEU B 207 -13.55 -23.18 -16.27
N ALA B 208 -12.75 -22.81 -15.27
CA ALA B 208 -11.58 -21.94 -15.50
C ALA B 208 -10.57 -22.59 -16.45
N ALA B 209 -10.30 -23.88 -16.26
CA ALA B 209 -9.34 -24.59 -17.10
C ALA B 209 -9.87 -24.70 -18.48
N ARG B 210 -11.17 -24.93 -18.60
CA ARG B 210 -11.81 -25.09 -19.90
C ARG B 210 -11.68 -23.84 -20.78
N TYR B 211 -11.88 -22.67 -20.18
CA TYR B 211 -11.92 -21.42 -20.92
C TYR B 211 -10.61 -20.61 -20.81
N GLY B 212 -9.63 -21.14 -20.09
CA GLY B 212 -8.32 -20.51 -19.99
C GLY B 212 -8.37 -19.27 -19.11
N ALA B 213 -9.19 -19.31 -18.07
CA ALA B 213 -9.43 -18.17 -17.24
C ALA B 213 -8.51 -18.23 -16.05
N THR B 214 -8.08 -17.05 -15.59
CA THR B 214 -7.34 -16.90 -14.36
C THR B 214 -8.33 -16.73 -13.21
N VAL B 215 -8.05 -17.34 -12.07
CA VAL B 215 -8.89 -17.21 -10.91
C VAL B 215 -8.04 -16.62 -9.78
N ILE B 216 -8.59 -15.60 -9.13
CA ILE B 216 -8.03 -15.03 -7.89
C ILE B 216 -8.93 -15.51 -6.76
N ALA B 217 -8.44 -16.40 -5.92
CA ALA B 217 -9.23 -16.93 -4.80
C ALA B 217 -8.82 -16.23 -3.50
N ASP B 218 -9.75 -15.43 -2.96
CA ASP B 218 -9.49 -14.63 -1.76
C ASP B 218 -9.93 -15.45 -0.52
N GLN B 219 -8.95 -16.08 0.12
CA GLN B 219 -9.18 -17.01 1.21
C GLN B 219 -8.78 -16.40 2.52
N LEU B 220 -8.96 -15.09 2.63
CA LEU B 220 -8.55 -14.30 3.79
C LEU B 220 -8.94 -14.92 5.10
N TYR B 221 -10.21 -15.35 5.21
CA TYR B 221 -10.72 -15.81 6.51
C TYR B 221 -10.81 -17.36 6.60
N SER B 222 -10.12 -18.06 5.70
CA SER B 222 -10.27 -19.51 5.53
C SER B 222 -9.69 -20.31 6.68
N ARG B 223 -8.80 -19.72 7.46
CA ARG B 223 -8.24 -20.40 8.63
C ARG B 223 -9.19 -20.45 9.84
N LEU B 224 -10.11 -19.50 9.94
CA LEU B 224 -11.06 -19.50 11.05
C LEU B 224 -12.25 -20.36 10.69
N ARG B 225 -12.02 -21.68 10.67
CA ARG B 225 -12.99 -22.64 10.09
C ARG B 225 -13.68 -23.38 11.23
N TYR B 226 -15.02 -23.34 11.25
CA TYR B 226 -15.77 -23.86 12.38
C TYR B 226 -15.83 -25.39 12.38
N ALA B 227 -15.95 -25.95 13.58
CA ALA B 227 -15.93 -27.42 13.75
C ALA B 227 -17.03 -28.05 12.93
N GLY B 228 -16.65 -29.03 12.11
CA GLY B 228 -17.62 -29.66 11.21
C GLY B 228 -17.93 -28.86 9.95
N ALA B 229 -17.12 -27.84 9.66
CA ALA B 229 -17.17 -27.21 8.35
C ALA B 229 -16.05 -27.81 7.49
N SER B 230 -16.37 -28.09 6.23
CA SER B 230 -15.38 -28.46 5.26
C SER B 230 -14.87 -27.20 4.56
N TYR B 231 -13.69 -27.32 3.95
CA TYR B 231 -13.12 -26.26 3.12
C TYR B 231 -12.28 -26.89 2.03
N THR B 232 -12.46 -26.39 0.80
CA THR B 232 -11.75 -26.92 -0.36
C THR B 232 -10.95 -25.77 -1.04
N HIS B 233 -9.66 -26.02 -1.25
CA HIS B 233 -8.76 -25.03 -1.83
C HIS B 233 -8.71 -25.19 -3.34
N LEU B 234 -9.22 -24.19 -4.05
CA LEU B 234 -9.20 -24.19 -5.54
CA LEU B 234 -9.21 -24.18 -5.53
C LEU B 234 -7.85 -24.54 -6.11
N ARG B 235 -6.78 -24.01 -5.52
CA ARG B 235 -5.40 -24.17 -6.05
C ARG B 235 -4.86 -25.59 -6.01
N ALA B 236 -5.48 -26.44 -5.19
CA ALA B 236 -5.15 -27.85 -5.10
C ALA B 236 -6.01 -28.74 -6.01
N GLU B 237 -7.01 -28.18 -6.69
CA GLU B 237 -7.86 -29.01 -7.64
C GLU B 237 -7.06 -29.59 -8.82
N ALA B 238 -7.21 -30.89 -9.06
CA ALA B 238 -6.52 -31.56 -10.21
C ALA B 238 -6.88 -30.93 -11.59
N ALA B 239 -8.11 -30.40 -11.72
CA ALA B 239 -8.60 -29.82 -12.98
C ALA B 239 -7.96 -28.48 -13.33
N VAL B 240 -7.47 -27.77 -12.32
CA VAL B 240 -7.01 -26.42 -12.55
C VAL B 240 -5.53 -26.42 -12.78
N ASP B 241 -5.09 -25.52 -13.64
CA ASP B 241 -3.66 -25.26 -13.84
CA ASP B 241 -3.67 -25.28 -13.84
C ASP B 241 -3.21 -24.32 -12.75
N ALA B 242 -2.23 -24.76 -11.96
CA ALA B 242 -1.68 -23.96 -10.86
C ALA B 242 -1.20 -22.58 -11.33
N GLU B 243 -0.73 -22.51 -12.57
CA GLU B 243 -0.20 -21.26 -13.11
C GLU B 243 -1.26 -20.29 -13.62
N ASN B 244 -2.54 -20.63 -13.45
CA ASN B 244 -3.60 -19.67 -13.68
C ASN B 244 -4.42 -19.40 -12.42
N VAL B 245 -3.85 -19.65 -11.25
CA VAL B 245 -4.50 -19.36 -10.01
C VAL B 245 -3.58 -18.51 -9.14
N VAL B 246 -4.14 -17.47 -8.57
CA VAL B 246 -3.51 -16.72 -7.51
C VAL B 246 -4.42 -16.79 -6.30
N THR B 247 -3.87 -17.21 -5.17
CA THR B 247 -4.60 -17.27 -3.92
C THR B 247 -4.05 -16.19 -3.03
N ILE B 248 -4.92 -15.47 -2.37
CA ILE B 248 -4.49 -14.43 -1.45
C ILE B 248 -5.10 -14.66 -0.09
N GLY B 250 -4.02 -13.73 4.48
CA GLY B 250 -3.09 -13.18 5.43
C GLY B 250 -3.61 -13.25 6.87
N PRO B 251 -2.87 -12.65 7.80
CA PRO B 251 -3.15 -12.70 9.21
C PRO B 251 -3.95 -11.53 9.79
N SER B 252 -4.57 -10.71 8.95
CA SER B 252 -5.19 -9.49 9.50
C SER B 252 -6.38 -9.81 10.43
N THR B 254 -8.20 -13.35 11.23
CA THR B 254 -8.16 -14.54 12.09
C THR B 254 -7.17 -14.35 13.25
N GLU B 255 -5.97 -13.90 12.91
CA GLU B 255 -4.90 -13.75 13.88
C GLU B 255 -4.86 -12.34 14.50
N SER B 256 -5.80 -11.46 14.10
CA SER B 256 -5.93 -10.11 14.65
C SER B 256 -4.67 -9.25 14.44
N LEU B 257 -3.96 -9.48 13.32
CA LEU B 257 -2.73 -8.71 13.03
C LEU B 257 -2.99 -7.55 12.03
N SER B 258 -4.25 -7.16 11.84
CA SER B 258 -4.57 -6.11 10.86
C SER B 258 -3.68 -4.87 11.04
N GLY B 259 -3.39 -4.50 12.27
CA GLY B 259 -2.60 -3.27 12.56
C GLY B 259 -1.18 -3.27 12.01
N TYR B 260 -0.64 -4.47 11.72
CA TYR B 260 0.68 -4.62 11.09
C TYR B 260 0.63 -4.50 9.56
N ARG B 261 -0.56 -4.71 8.96
CA ARG B 261 -0.79 -4.54 7.51
C ARG B 261 0.02 -5.56 6.62
N LEU B 262 -0.37 -6.84 6.68
CA LEU B 262 0.34 -7.91 6.01
C LEU B 262 -0.60 -8.83 5.28
N GLY B 263 -0.22 -9.20 4.06
CA GLY B 263 -0.92 -10.22 3.32
C GLY B 263 0.07 -10.94 2.48
N VAL B 264 -0.38 -12.03 1.87
CA VAL B 264 0.42 -12.71 0.87
C VAL B 264 -0.40 -13.11 -0.31
N ALA B 265 0.28 -13.29 -1.45
CA ALA B 265 -0.30 -13.89 -2.63
C ALA B 265 0.65 -14.96 -3.17
N PHE B 266 0.08 -16.03 -3.68
CA PHE B 266 0.88 -17.13 -4.18
C PHE B 266 0.20 -17.90 -5.25
N GLY B 267 1.01 -18.50 -6.11
CA GLY B 267 0.52 -19.15 -7.28
C GLY B 267 1.29 -18.72 -8.50
N SER B 268 0.55 -18.32 -9.55
CA SER B 268 1.10 -18.15 -10.88
C SER B 268 2.38 -17.31 -10.92
N ARG B 269 3.46 -17.88 -11.47
CA ARG B 269 4.68 -17.15 -11.52
CA ARG B 269 4.76 -17.19 -11.64
C ARG B 269 4.61 -15.90 -12.43
N ALA B 270 3.95 -16.00 -13.59
CA ALA B 270 3.80 -14.86 -14.47
C ALA B 270 3.03 -13.73 -13.77
N ILE B 271 1.95 -14.08 -13.07
CA ILE B 271 1.13 -13.05 -12.46
C ILE B 271 1.81 -12.45 -11.21
N ILE B 272 2.41 -13.31 -10.40
CA ILE B 272 3.17 -12.88 -9.23
C ILE B 272 4.34 -11.96 -9.64
N ALA B 273 5.05 -12.31 -10.72
CA ALA B 273 6.13 -11.44 -11.23
C ALA B 273 5.61 -10.03 -11.62
N ARG B 274 4.45 -9.98 -12.29
CA ARG B 274 3.80 -8.70 -12.59
C ARG B 274 3.43 -7.92 -11.31
N GLU B 276 4.80 -8.07 -8.42
CA GLU B 276 6.07 -7.62 -7.83
CA GLU B 276 6.02 -7.62 -7.79
C GLU B 276 6.55 -6.34 -8.46
N LYS B 277 6.49 -6.29 -9.78
CA LYS B 277 6.94 -5.12 -10.51
C LYS B 277 6.06 -3.92 -10.17
N LEU B 278 4.76 -4.16 -10.07
CA LEU B 278 3.85 -3.10 -9.71
C LEU B 278 4.02 -2.65 -8.23
N GLN B 279 4.22 -3.60 -7.32
CA GLN B 279 4.38 -3.24 -5.88
C GLN B 279 5.51 -2.23 -5.66
N ALA B 280 6.58 -2.36 -6.44
CA ALA B 280 7.68 -1.45 -6.38
C ALA B 280 7.21 0.00 -6.47
N ILE B 281 6.25 0.29 -7.36
CA ILE B 281 5.79 1.67 -7.56
C ILE B 281 4.49 2.02 -6.80
N VAL B 282 3.82 1.02 -6.24
CA VAL B 282 2.63 1.25 -5.41
C VAL B 282 3.02 1.65 -4.00
N SER B 283 3.93 0.90 -3.38
CA SER B 283 4.40 1.23 -2.02
C SER B 283 5.78 0.67 -1.62
N LEU B 284 6.59 0.26 -2.63
CA LEU B 284 7.90 -0.45 -2.44
C LEU B 284 7.77 -1.85 -1.87
N ARG B 285 7.30 -1.98 -0.64
CA ARG B 285 7.26 -3.25 0.02
C ARG B 285 6.21 -3.21 1.09
N ALA B 286 5.77 -4.39 1.55
CA ALA B 286 5.13 -4.49 2.85
C ALA B 286 6.11 -3.95 3.90
N ALA B 287 5.62 -3.21 4.89
CA ALA B 287 6.50 -2.58 5.89
C ALA B 287 7.55 -3.57 6.37
N GLY B 288 8.83 -3.19 6.21
CA GLY B 288 9.93 -4.06 6.58
C GLY B 288 9.80 -4.65 7.97
N TYR B 289 9.55 -3.80 8.96
CA TYR B 289 9.47 -4.26 10.33
C TYR B 289 8.26 -5.16 10.55
N SER B 290 7.12 -4.79 9.93
CA SER B 290 5.89 -5.60 10.02
C SER B 290 6.13 -7.01 9.58
N GLN B 291 6.95 -7.19 8.54
CA GLN B 291 7.14 -8.51 7.94
C GLN B 291 7.57 -9.57 8.96
N ALA B 292 8.41 -9.14 9.92
CA ALA B 292 8.92 -9.99 10.96
C ALA B 292 7.86 -10.75 11.74
N VAL B 293 6.63 -10.20 11.89
CA VAL B 293 5.60 -10.91 12.67
C VAL B 293 5.14 -12.20 11.96
N LEU B 294 5.33 -12.27 10.65
CA LEU B 294 4.97 -13.45 9.86
C LEU B 294 5.84 -14.65 10.16
N ARG B 295 6.99 -14.47 10.84
CA ARG B 295 7.80 -15.61 11.30
C ARG B 295 7.00 -16.54 12.25
N GLY B 296 6.00 -15.96 12.93
CA GLY B 296 5.11 -16.71 13.83
C GLY B 296 3.84 -17.27 13.19
N TRP B 297 3.57 -16.91 11.93
CA TRP B 297 2.30 -17.21 11.28
C TRP B 297 2.26 -18.70 10.91
N PHE B 298 1.19 -19.37 11.36
CA PHE B 298 1.03 -20.84 11.26
C PHE B 298 1.97 -21.61 12.19
N ASP B 299 2.60 -20.93 13.14
CA ASP B 299 3.43 -21.60 14.12
C ASP B 299 3.08 -21.10 15.53
N GLU B 300 1.80 -20.87 15.75
CA GLU B 300 1.32 -20.38 17.02
C GLU B 300 1.33 -21.54 18.02
N ALA B 301 1.23 -21.23 19.30
CA ALA B 301 1.15 -22.28 20.34
C ALA B 301 0.05 -23.32 19.98
N PRO B 302 0.32 -24.63 20.19
CA PRO B 302 -0.73 -25.65 20.01
C PRO B 302 -2.02 -25.33 20.82
N GLY B 303 -3.18 -25.45 20.17
CA GLY B 303 -4.48 -25.19 20.83
C GLY B 303 -4.98 -23.73 20.82
N TRP B 304 -4.11 -22.78 20.45
CA TRP B 304 -4.49 -21.35 20.46
C TRP B 304 -5.54 -21.03 19.37
N GLU B 306 -7.32 -23.27 17.91
CA GLU B 306 -8.46 -24.13 18.18
C GLU B 306 -9.38 -23.49 19.21
N ASP B 307 -8.82 -22.93 20.27
CA ASP B 307 -9.60 -22.13 21.22
C ASP B 307 -10.22 -20.90 20.57
N ARG B 308 -9.46 -20.21 19.72
CA ARG B 308 -10.00 -19.02 19.07
C ARG B 308 -11.22 -19.36 18.23
N ILE B 309 -11.13 -20.44 17.46
CA ILE B 309 -12.26 -20.91 16.62
C ILE B 309 -13.43 -21.27 17.51
N ALA B 310 -13.17 -21.94 18.64
CA ALA B 310 -14.22 -22.28 19.58
C ALA B 310 -14.91 -21.02 20.18
N ARG B 311 -14.14 -20.00 20.55
CA ARG B 311 -14.73 -18.79 21.14
C ARG B 311 -15.62 -18.07 20.11
N HIS B 312 -15.15 -18.01 18.86
CA HIS B 312 -15.94 -17.41 17.79
C HIS B 312 -17.20 -18.20 17.44
N GLN B 313 -17.12 -19.52 17.57
CA GLN B 313 -18.24 -20.40 17.24
C GLN B 313 -19.34 -20.25 18.29
N ALA B 314 -18.96 -20.02 19.54
CA ALA B 314 -19.94 -19.74 20.60
C ALA B 314 -20.68 -18.42 20.33
N ILE B 315 -19.94 -17.41 19.88
CA ILE B 315 -20.54 -16.12 19.51
C ILE B 315 -21.44 -16.27 18.28
N ARG B 316 -20.90 -16.91 17.23
CA ARG B 316 -21.68 -17.26 16.04
C ARG B 316 -23.03 -17.85 16.41
N ASP B 317 -23.03 -18.87 17.26
CA ASP B 317 -24.26 -19.63 17.56
C ASP B 317 -25.28 -18.83 18.37
N GLU B 318 -24.82 -18.07 19.35
CA GLU B 318 -25.76 -17.26 20.14
CA GLU B 318 -25.74 -17.25 20.15
C GLU B 318 -26.29 -16.09 19.32
N LEU B 319 -25.45 -15.48 18.48
CA LEU B 319 -25.96 -14.42 17.59
C LEU B 319 -26.99 -14.96 16.63
N LEU B 320 -26.76 -16.15 16.11
CA LEU B 320 -27.71 -16.77 15.20
C LEU B 320 -29.03 -17.04 15.89
N HIS B 321 -28.96 -17.55 17.11
CA HIS B 321 -30.16 -17.78 17.90
C HIS B 321 -31.03 -16.49 18.06
N VAL B 322 -30.38 -15.39 18.43
CA VAL B 322 -31.05 -14.11 18.63
C VAL B 322 -31.64 -13.57 17.32
N LEU B 323 -30.86 -13.58 16.24
CA LEU B 323 -31.33 -13.03 14.93
C LEU B 323 -32.45 -13.87 14.33
N ARG B 324 -32.28 -15.17 14.32
CA ARG B 324 -33.32 -16.08 13.78
C ARG B 324 -34.55 -16.14 14.66
N GLY B 325 -34.41 -15.75 15.92
CA GLY B 325 -35.57 -15.62 16.81
C GLY B 325 -36.58 -14.59 16.31
N GLU B 327 -38.88 -13.32 13.51
CA GLU B 327 -39.66 -14.08 12.52
C GLU B 327 -39.28 -13.80 11.04
N GLY B 328 -39.02 -12.53 10.73
CA GLY B 328 -38.73 -12.14 9.33
C GLY B 328 -37.25 -12.18 8.91
N VAL B 329 -36.37 -12.65 9.81
CA VAL B 329 -34.91 -12.57 9.62
C VAL B 329 -34.39 -13.89 9.15
N PHE B 330 -33.61 -13.87 8.08
CA PHE B 330 -32.90 -15.04 7.59
C PHE B 330 -31.41 -14.77 7.72
N ALA B 331 -30.65 -15.81 8.09
CA ALA B 331 -29.17 -15.71 8.06
C ALA B 331 -28.53 -17.09 7.85
N ARG B 332 -27.60 -17.20 6.89
CA ARG B 332 -26.86 -18.42 6.73
C ARG B 332 -25.93 -18.59 7.92
N THR B 333 -25.76 -19.83 8.34
CA THR B 333 -24.69 -20.17 9.28
C THR B 333 -23.37 -19.92 8.66
N PRO B 334 -22.54 -19.02 9.26
CA PRO B 334 -21.16 -18.88 8.77
C PRO B 334 -20.36 -20.15 9.01
N GLN B 335 -19.53 -20.51 8.03
CA GLN B 335 -18.79 -21.78 8.06
C GLN B 335 -17.28 -21.56 8.22
N ALA B 336 -16.81 -20.39 7.83
CA ALA B 336 -15.52 -19.91 8.28
C ALA B 336 -15.55 -18.37 8.36
N GLY B 337 -14.66 -17.81 9.15
CA GLY B 337 -14.59 -16.35 9.32
C GLY B 337 -15.64 -15.81 10.27
N SER B 338 -15.65 -14.48 10.48
CA SER B 338 -16.49 -13.85 11.51
CA SER B 338 -16.53 -13.90 11.51
C SER B 338 -17.54 -12.87 10.94
N TYR B 339 -18.07 -13.17 9.74
CA TYR B 339 -19.17 -12.38 9.17
C TYR B 339 -20.53 -13.10 9.23
N LEU B 340 -21.56 -12.36 9.67
CA LEU B 340 -22.96 -12.75 9.50
C LEU B 340 -23.66 -11.70 8.62
N PHE B 341 -24.56 -12.17 7.77
CA PHE B 341 -25.24 -11.32 6.83
C PHE B 341 -26.77 -11.58 6.90
N PRO B 342 -27.43 -11.11 7.98
CA PRO B 342 -28.85 -11.29 8.09
C PRO B 342 -29.66 -10.46 7.08
N ARG B 343 -30.67 -11.09 6.48
CA ARG B 343 -31.64 -10.42 5.63
C ARG B 343 -32.80 -10.02 6.50
N LEU B 344 -33.08 -8.72 6.55
CA LEU B 344 -34.09 -8.17 7.44
C LEU B 344 -35.45 -8.15 6.74
N PRO B 345 -36.55 -8.11 7.53
CA PRO B 345 -37.88 -7.96 6.92
C PRO B 345 -38.20 -6.58 6.41
N LYS B 346 -39.35 -6.46 5.77
CA LYS B 346 -39.89 -5.15 5.34
CA LYS B 346 -39.84 -5.15 5.33
C LYS B 346 -40.08 -4.26 6.56
N LEU B 347 -39.50 -3.06 6.53
CA LEU B 347 -39.59 -2.14 7.63
C LEU B 347 -40.30 -0.91 7.14
N ALA B 348 -40.72 -0.05 8.07
CA ALA B 348 -41.44 1.18 7.73
C ALA B 348 -40.49 2.27 7.30
N VAL B 349 -39.18 2.00 7.34
CA VAL B 349 -38.16 2.91 6.83
C VAL B 349 -37.32 2.15 5.81
N ALA B 350 -36.61 2.88 4.95
CA ALA B 350 -35.75 2.26 3.94
C ALA B 350 -34.50 1.63 4.64
N PRO B 351 -33.88 0.61 3.99
CA PRO B 351 -32.70 -0.03 4.57
C PRO B 351 -31.59 0.94 5.01
N ALA B 352 -31.25 1.93 4.17
CA ALA B 352 -30.20 2.88 4.51
C ALA B 352 -30.56 3.73 5.75
N GLU B 353 -31.84 4.05 5.88
CA GLU B 353 -32.35 4.81 7.01
C GLU B 353 -32.29 3.95 8.28
N PHE B 354 -32.56 2.65 8.16
CA PHE B 354 -32.54 1.77 9.30
C PHE B 354 -31.12 1.63 9.86
N VAL B 355 -30.12 1.54 8.98
CA VAL B 355 -28.70 1.49 9.43
C VAL B 355 -28.33 2.72 10.28
N LYS B 356 -28.78 3.91 9.87
CA LYS B 356 -28.58 5.13 10.66
C LYS B 356 -29.31 5.04 11.99
N ILE B 357 -30.52 4.49 11.97
CA ILE B 357 -31.34 4.37 13.15
C ILE B 357 -30.76 3.36 14.18
N LEU B 358 -30.16 2.29 13.69
CA LEU B 358 -29.47 1.34 14.56
C LEU B 358 -28.34 2.00 15.35
N ARG B 359 -27.61 2.89 14.69
CA ARG B 359 -26.56 3.64 15.32
C ARG B 359 -27.12 4.69 16.29
N LEU B 360 -28.13 5.44 15.85
CA LEU B 360 -28.78 6.47 16.69
C LEU B 360 -29.45 5.90 17.96
N GLN B 361 -30.22 4.83 17.79
CA GLN B 361 -31.10 4.33 18.88
C GLN B 361 -30.60 3.06 19.61
N ALA B 362 -29.59 2.36 19.05
CA ALA B 362 -28.99 1.16 19.65
C ALA B 362 -27.46 1.22 19.84
N GLY B 363 -26.82 2.31 19.42
CA GLY B 363 -25.36 2.38 19.39
C GLY B 363 -24.72 1.19 18.68
N VAL B 364 -25.32 0.75 17.59
CA VAL B 364 -24.80 -0.36 16.80
C VAL B 364 -24.41 0.15 15.42
N VAL B 365 -23.16 -0.09 15.02
CA VAL B 365 -22.73 0.10 13.62
C VAL B 365 -22.77 -1.23 12.92
N VAL B 366 -23.54 -1.30 11.81
CA VAL B 366 -23.52 -2.48 10.91
C VAL B 366 -23.28 -2.01 9.51
N THR B 367 -22.88 -2.90 8.61
CA THR B 367 -22.49 -2.49 7.28
C THR B 367 -23.66 -2.68 6.33
N PRO B 368 -23.99 -1.65 5.55
CA PRO B 368 -25.16 -1.82 4.69
C PRO B 368 -24.95 -2.87 3.64
N GLY B 369 -25.99 -3.61 3.32
CA GLY B 369 -25.87 -4.70 2.38
C GLY B 369 -25.53 -4.26 0.97
N THR B 370 -25.83 -2.99 0.63
CA THR B 370 -25.50 -2.45 -0.71
C THR B 370 -23.97 -2.36 -0.99
N GLU B 371 -23.12 -2.44 0.04
CA GLU B 371 -21.65 -2.50 -0.19
CA GLU B 371 -21.65 -2.51 -0.17
C GLU B 371 -21.21 -3.75 -0.97
N PHE B 372 -22.02 -4.81 -0.91
CA PHE B 372 -21.65 -6.12 -1.45
C PHE B 372 -22.38 -6.50 -2.71
N SER B 373 -23.53 -5.90 -2.94
CA SER B 373 -24.28 -6.10 -4.16
C SER B 373 -25.43 -5.10 -4.16
N PRO B 374 -25.83 -4.61 -5.34
CA PRO B 374 -27.01 -3.75 -5.41
C PRO B 374 -28.32 -4.48 -5.05
N HIS B 375 -28.28 -5.81 -5.04
CA HIS B 375 -29.45 -6.63 -4.84
C HIS B 375 -29.53 -7.24 -3.43
N THR B 376 -28.64 -6.83 -2.52
CA THR B 376 -28.69 -7.27 -1.14
C THR B 376 -28.89 -6.04 -0.24
N ALA B 377 -29.79 -5.15 -0.67
CA ALA B 377 -29.99 -3.87 0.02
C ALA B 377 -30.66 -4.04 1.38
N ASP B 378 -31.51 -5.05 1.54
CA ASP B 378 -32.23 -5.27 2.81
C ASP B 378 -31.49 -6.18 3.78
N SER B 379 -30.22 -6.52 3.46
CA SER B 379 -29.31 -7.18 4.41
C SER B 379 -28.31 -6.20 5.04
N VAL B 380 -27.76 -6.58 6.19
CA VAL B 380 -26.66 -5.86 6.81
C VAL B 380 -25.58 -6.87 7.20
N ARG B 381 -24.32 -6.44 7.19
CA ARG B 381 -23.22 -7.31 7.60
C ARG B 381 -22.78 -6.96 9.02
N LEU B 382 -22.52 -8.01 9.81
CA LEU B 382 -21.93 -7.90 11.12
C LEU B 382 -20.61 -8.60 11.11
N ASN B 383 -19.57 -7.96 11.60
CA ASN B 383 -18.37 -8.70 11.99
C ASN B 383 -18.48 -9.02 13.47
N PHE B 384 -18.64 -10.31 13.78
CA PHE B 384 -18.89 -10.73 15.16
C PHE B 384 -17.64 -11.16 15.94
N SER B 385 -16.45 -10.83 15.46
CA SER B 385 -15.24 -10.96 16.30
C SER B 385 -15.20 -9.81 17.29
N GLN B 386 -16.02 -9.97 18.34
CA GLN B 386 -16.35 -8.91 19.29
C GLN B 386 -16.29 -9.48 20.68
N ASP B 387 -16.39 -8.59 21.68
CA ASP B 387 -16.70 -9.03 23.04
C ASP B 387 -18.02 -9.82 23.02
N HIS B 388 -18.00 -11.03 23.58
CA HIS B 388 -19.13 -11.98 23.51
C HIS B 388 -20.42 -11.38 24.06
N GLU B 389 -20.38 -10.95 25.30
CA GLU B 389 -21.57 -10.46 25.95
C GLU B 389 -22.07 -9.16 25.31
N ALA B 390 -21.16 -8.23 25.03
CA ALA B 390 -21.53 -6.96 24.36
C ALA B 390 -22.17 -7.23 23.00
N ALA B 391 -21.63 -8.18 22.25
CA ALA B 391 -22.16 -8.54 20.94
C ALA B 391 -23.59 -9.09 21.02
N VAL B 392 -23.83 -9.96 21.98
CA VAL B 392 -25.13 -10.58 22.16
C VAL B 392 -26.18 -9.53 22.56
N ALA B 393 -25.86 -8.71 23.59
CA ALA B 393 -26.69 -7.54 24.00
C ALA B 393 -26.98 -6.59 22.85
N ALA B 394 -25.98 -6.31 22.01
CA ALA B 394 -26.17 -5.46 20.81
C ALA B 394 -27.16 -6.11 19.82
N ALA B 395 -26.99 -7.39 19.57
CA ALA B 395 -27.87 -8.13 18.69
C ALA B 395 -29.32 -8.08 19.17
N ARG B 396 -29.54 -8.18 20.48
CA ARG B 396 -30.90 -8.10 21.02
CA ARG B 396 -30.90 -8.11 21.05
C ARG B 396 -31.50 -6.71 20.83
N ARG B 397 -30.65 -5.66 20.89
CA ARG B 397 -31.12 -4.30 20.58
C ARG B 397 -31.50 -4.18 19.08
N ILE B 398 -30.75 -4.85 18.20
CA ILE B 398 -31.07 -4.80 16.75
C ILE B 398 -32.46 -5.35 16.52
N VAL B 399 -32.75 -6.53 17.09
CA VAL B 399 -34.03 -7.20 16.82
C VAL B 399 -35.20 -6.46 17.45
N THR B 400 -35.01 -5.91 18.67
CA THR B 400 -35.98 -4.99 19.32
C THR B 400 -36.36 -3.81 18.35
N LEU B 401 -35.35 -3.21 17.72
CA LEU B 401 -35.59 -2.13 16.75
C LEU B 401 -36.18 -2.63 15.44
N VAL B 402 -35.78 -3.82 15.00
CA VAL B 402 -36.48 -4.45 13.87
C VAL B 402 -38.00 -4.60 14.19
N GLU B 403 -38.33 -4.98 15.41
CA GLU B 403 -39.74 -5.10 15.81
C GLU B 403 -40.41 -3.73 15.86
N ARG B 404 -39.71 -2.73 16.38
CA ARG B 404 -40.27 -1.37 16.52
C ARG B 404 -40.60 -0.74 15.16
N TYR B 405 -39.80 -1.06 14.12
CA TYR B 405 -39.93 -0.45 12.78
C TYR B 405 -40.56 -1.38 11.74
N ARG B 406 -41.03 -2.55 12.18
CA ARG B 406 -41.55 -3.53 11.25
C ARG B 406 -42.75 -2.95 10.48
N ALA B 407 -42.77 -3.13 9.17
CA ALA B 407 -43.89 -2.72 8.34
C ALA B 407 -45.08 -3.59 8.70
#